data_2KKG
#
_entry.id   2KKG
#
_cell.length_a   1.000
_cell.length_b   1.000
_cell.length_c   1.000
_cell.angle_alpha   90.00
_cell.angle_beta   90.00
_cell.angle_gamma   90.00
#
_symmetry.space_group_name_H-M   'P 1'
#
_entity_poly.entity_id   1
_entity_poly.type   'polypeptide(L)'
_entity_poly.pdbx_seq_one_letter_code
;MKKRPKPGGWNTGGSRYPGQGSPGGNRYPPQGGGTWGQPHGGGWGQPHGGGWGQPHGGGWGQPHGGGWGQGGGTHNQWNK
PSKPK
;
_entity_poly.pdbx_strand_id   A
#
# COMPACT_ATOMS: atom_id res chain seq x y z
N TRP A 36 11.69 18.74 -5.00
CA TRP A 36 10.40 18.26 -5.56
C TRP A 36 10.43 16.76 -5.83
N GLY A 37 9.40 16.25 -6.48
CA GLY A 37 9.33 14.83 -6.79
C GLY A 37 8.26 14.50 -7.81
N GLN A 38 7.99 15.46 -8.71
CA GLN A 38 6.99 15.26 -9.75
C GLN A 38 7.45 14.26 -10.78
N PRO A 39 6.52 13.58 -11.47
CA PRO A 39 6.84 12.59 -12.50
C PRO A 39 7.47 13.21 -13.73
N HIS A 40 8.26 12.43 -14.45
CA HIS A 40 8.93 12.91 -15.65
C HIS A 40 8.21 12.41 -16.91
N GLY A 41 7.61 11.24 -16.80
CA GLY A 41 6.90 10.67 -17.93
C GLY A 41 5.47 10.28 -17.59
N GLY A 42 5.29 9.70 -16.41
CA GLY A 42 3.97 9.30 -15.98
C GLY A 42 3.96 8.72 -14.57
N GLY A 43 3.76 9.59 -13.59
CA GLY A 43 3.75 9.14 -12.20
C GLY A 43 5.06 8.55 -11.76
N TRP A 44 5.07 7.94 -10.58
CA TRP A 44 6.28 7.33 -10.04
C TRP A 44 5.93 6.11 -9.20
N GLY A 45 5.49 6.35 -7.97
CA GLY A 45 5.13 5.26 -7.08
C GLY A 45 3.67 5.31 -6.67
N GLN A 46 2.88 6.10 -7.38
CA GLN A 46 1.46 6.23 -7.09
C GLN A 46 0.67 5.06 -7.68
N PRO A 47 -0.50 4.74 -7.08
CA PRO A 47 -1.34 3.64 -7.56
C PRO A 47 -1.92 3.90 -8.94
N HIS A 48 -2.34 2.84 -9.61
CA HIS A 48 -2.93 2.96 -10.95
C HIS A 48 -4.44 2.74 -10.90
N GLY A 49 -4.89 1.91 -9.97
CA GLY A 49 -6.30 1.64 -9.85
C GLY A 49 -6.78 1.67 -8.41
N GLY A 50 -6.09 2.45 -7.57
CA GLY A 50 -6.47 2.55 -6.18
C GLY A 50 -5.51 1.80 -5.28
N GLY A 51 -4.50 2.50 -4.75
CA GLY A 51 -3.54 1.88 -3.87
C GLY A 51 -2.81 0.73 -4.54
N TRP A 52 -2.04 -0.01 -3.74
CA TRP A 52 -1.28 -1.14 -4.25
C TRP A 52 -1.18 -2.25 -3.20
N GLY A 53 -0.27 -2.06 -2.25
CA GLY A 53 -0.09 -3.04 -1.20
C GLY A 53 -0.48 -2.51 0.17
N GLN A 54 -1.17 -1.36 0.19
CA GLN A 54 -1.60 -0.76 1.44
C GLN A 54 -3.05 -1.12 1.76
N PRO A 55 -3.43 -1.10 3.05
CA PRO A 55 -4.79 -1.43 3.47
C PRO A 55 -5.81 -0.40 3.00
N HIS A 56 -7.03 -0.86 2.73
CA HIS A 56 -8.08 0.03 2.26
C HIS A 56 -8.99 0.43 3.43
N GLY A 57 -9.12 -0.45 4.41
CA GLY A 57 -9.95 -0.17 5.57
C GLY A 57 -9.14 -0.03 6.84
N GLY A 58 -8.00 -0.71 6.90
CA GLY A 58 -7.15 -0.64 8.07
C GLY A 58 -5.90 -1.48 7.94
N GLY A 59 -6.09 -2.77 7.64
CA GLY A 59 -4.96 -3.67 7.49
C GLY A 59 -5.20 -4.72 6.43
N TRP A 60 -4.45 -5.82 6.52
CA TRP A 60 -4.57 -6.91 5.55
C TRP A 60 -4.29 -8.25 6.22
N GLY A 61 -3.01 -8.54 6.45
CA GLY A 61 -2.63 -9.78 7.08
C GLY A 61 -2.17 -9.59 8.52
N GLN A 62 -1.78 -8.37 8.85
CA GLN A 62 -1.32 -8.05 10.20
C GLN A 62 -2.42 -8.33 11.22
N PRO A 63 -2.03 -8.60 12.48
CA PRO A 63 -2.99 -8.88 13.56
C PRO A 63 -3.79 -7.65 13.95
N HIS A 64 -5.08 -7.85 14.22
CA HIS A 64 -5.96 -6.75 14.60
C HIS A 64 -6.07 -6.64 16.11
N GLY A 65 -5.95 -7.79 16.79
CA GLY A 65 -6.03 -7.79 18.25
C GLY A 65 -4.83 -8.44 18.89
N GLY A 66 -4.36 -9.54 18.29
CA GLY A 66 -3.21 -10.24 18.84
C GLY A 66 -2.80 -11.42 17.98
N GLY A 67 -1.81 -11.21 17.12
CA GLY A 67 -1.34 -12.27 16.25
C GLY A 67 -2.43 -12.82 15.35
N TRP A 68 -2.14 -13.92 14.67
CA TRP A 68 -3.10 -14.55 13.77
C TRP A 68 -2.92 -16.06 13.74
N GLY A 69 -1.90 -16.51 13.02
CA GLY A 69 -1.63 -17.93 12.92
C GLY A 69 -0.15 -18.25 13.10
N GLN A 70 0.59 -17.31 13.67
CA GLN A 70 2.02 -17.50 13.88
C GLN A 70 2.28 -18.70 14.79
N TRP A 36 10.03 18.61 -4.69
CA TRP A 36 9.61 17.19 -4.76
C TRP A 36 10.20 16.49 -5.98
N GLY A 37 10.41 15.19 -5.87
CA GLY A 37 10.97 14.42 -6.97
C GLY A 37 10.10 14.47 -8.21
N GLN A 38 8.79 14.39 -8.00
CA GLN A 38 7.81 14.42 -9.10
C GLN A 38 8.12 13.35 -10.15
N PRO A 39 7.10 12.93 -10.91
CA PRO A 39 7.26 11.90 -11.95
C PRO A 39 8.01 12.44 -13.18
N HIS A 40 8.84 11.59 -13.76
CA HIS A 40 9.63 11.97 -14.93
C HIS A 40 8.87 11.64 -16.21
N GLY A 41 8.06 10.60 -16.16
CA GLY A 41 7.29 10.19 -17.34
C GLY A 41 5.81 10.08 -17.04
N GLY A 42 5.48 9.49 -15.88
CA GLY A 42 4.09 9.32 -15.50
C GLY A 42 3.94 8.73 -14.12
N GLY A 43 3.71 9.58 -13.13
CA GLY A 43 3.55 9.11 -11.77
C GLY A 43 4.76 8.35 -11.26
N TRP A 44 4.62 7.73 -10.10
CA TRP A 44 5.72 6.98 -9.50
C TRP A 44 5.19 5.80 -8.70
N GLY A 45 4.67 6.07 -7.51
CA GLY A 45 4.13 5.03 -6.67
C GLY A 45 2.62 5.07 -6.58
N GLN A 46 2.04 6.22 -6.92
CA GLN A 46 0.58 6.38 -6.88
C GLN A 46 -0.10 5.36 -7.79
N PRO A 47 -1.36 5.01 -7.49
CA PRO A 47 -2.14 4.05 -8.29
C PRO A 47 -2.49 4.60 -9.67
N HIS A 48 -2.63 3.69 -10.63
CA HIS A 48 -2.98 4.09 -11.99
C HIS A 48 -4.48 3.99 -12.22
N GLY A 49 -5.11 3.05 -11.54
CA GLY A 49 -6.55 2.86 -11.68
C GLY A 49 -7.19 2.29 -10.42
N GLY A 50 -6.58 2.57 -9.27
CA GLY A 50 -7.12 2.08 -8.01
C GLY A 50 -6.13 2.23 -6.87
N GLY A 51 -5.57 1.11 -6.43
CA GLY A 51 -4.62 1.15 -5.33
C GLY A 51 -3.31 0.46 -5.67
N TRP A 52 -2.57 0.04 -4.65
CA TRP A 52 -1.29 -0.62 -4.84
C TRP A 52 -1.04 -1.64 -3.74
N GLY A 53 -0.64 -1.15 -2.57
CA GLY A 53 -0.37 -2.04 -1.45
C GLY A 53 -1.38 -1.87 -0.33
N GLN A 54 -2.14 -0.78 -0.37
CA GLN A 54 -3.15 -0.52 0.66
C GLN A 54 -4.14 -1.68 0.76
N PRO A 55 -4.77 -1.86 1.93
CA PRO A 55 -5.74 -2.93 2.16
C PRO A 55 -7.01 -2.74 1.34
N HIS A 56 -7.78 -3.82 1.18
CA HIS A 56 -9.02 -3.76 0.42
C HIS A 56 -10.22 -3.91 1.35
N GLY A 57 -10.04 -4.64 2.45
CA GLY A 57 -11.11 -4.84 3.39
C GLY A 57 -10.67 -4.67 4.83
N GLY A 58 -9.63 -3.85 5.03
CA GLY A 58 -9.12 -3.62 6.36
C GLY A 58 -7.81 -4.33 6.62
N GLY A 59 -6.70 -3.64 6.38
CA GLY A 59 -5.39 -4.23 6.60
C GLY A 59 -5.17 -5.47 5.77
N TRP A 60 -4.08 -6.18 6.03
CA TRP A 60 -3.74 -7.39 5.31
C TRP A 60 -3.03 -8.39 6.21
N GLY A 61 -1.75 -8.16 6.43
CA GLY A 61 -0.97 -9.05 7.28
C GLY A 61 -0.38 -8.32 8.48
N GLN A 62 -0.89 -7.13 8.76
CA GLN A 62 -0.41 -6.34 9.90
C GLN A 62 -1.06 -6.81 11.20
N PRO A 63 -0.37 -6.58 12.34
CA PRO A 63 -0.88 -6.98 13.66
C PRO A 63 -2.18 -6.25 14.01
N HIS A 64 -2.96 -6.86 14.89
CA HIS A 64 -4.23 -6.27 15.33
C HIS A 64 -4.13 -5.79 16.77
N GLY A 65 -3.32 -6.46 17.57
CA GLY A 65 -3.15 -6.07 18.96
C GLY A 65 -1.80 -5.44 19.23
N GLY A 66 -0.73 -6.20 19.01
CA GLY A 66 0.60 -5.69 19.24
C GLY A 66 1.67 -6.56 18.61
N GLY A 67 1.33 -7.22 17.51
CA GLY A 67 2.28 -8.09 16.82
C GLY A 67 1.67 -9.40 16.41
N TRP A 68 2.53 -10.37 16.08
CA TRP A 68 2.07 -11.68 15.65
C TRP A 68 3.04 -12.77 16.10
N GLY A 69 4.16 -12.89 15.38
CA GLY A 69 5.16 -13.88 15.72
C GLY A 69 6.56 -13.30 15.74
N GLN A 70 6.66 -11.99 15.83
CA GLN A 70 7.96 -11.31 15.84
C GLN A 70 8.48 -11.19 17.27
N TRP A 36 15.11 16.04 -8.05
CA TRP A 36 14.26 14.82 -7.94
C TRP A 36 13.91 14.26 -9.31
N GLY A 37 13.69 12.96 -9.38
CA GLY A 37 13.36 12.31 -10.64
C GLY A 37 12.07 12.85 -11.23
N GLN A 38 11.02 12.88 -10.41
CA GLN A 38 9.70 13.37 -10.84
C GLN A 38 9.21 12.65 -12.10
N PRO A 39 7.88 12.60 -12.31
CA PRO A 39 7.29 11.94 -13.46
C PRO A 39 7.50 12.72 -14.75
N HIS A 40 7.64 12.00 -15.86
CA HIS A 40 7.84 12.63 -17.16
C HIS A 40 6.51 12.93 -17.85
N GLY A 41 5.51 12.09 -17.57
CA GLY A 41 4.20 12.29 -18.16
C GLY A 41 3.13 11.46 -17.46
N GLY A 42 3.29 11.24 -16.16
CA GLY A 42 2.33 10.47 -15.42
C GLY A 42 2.69 10.38 -13.94
N GLY A 43 3.42 9.33 -13.58
CA GLY A 43 3.82 9.14 -12.20
C GLY A 43 5.07 8.30 -12.06
N TRP A 44 5.27 7.71 -10.89
CA TRP A 44 6.44 6.89 -10.62
C TRP A 44 6.09 5.75 -9.66
N GLY A 45 5.99 6.08 -8.38
CA GLY A 45 5.66 5.08 -7.38
C GLY A 45 4.26 5.26 -6.83
N GLN A 46 3.71 6.46 -6.98
CA GLN A 46 2.36 6.74 -6.50
C GLN A 46 1.33 5.83 -7.17
N PRO A 47 0.20 5.57 -6.50
CA PRO A 47 -0.86 4.71 -7.04
C PRO A 47 -1.48 5.29 -8.31
N HIS A 48 -2.03 4.41 -9.14
CA HIS A 48 -2.67 4.83 -10.39
C HIS A 48 -4.17 4.70 -10.30
N GLY A 49 -4.64 3.72 -9.52
CA GLY A 49 -6.07 3.51 -9.36
C GLY A 49 -6.56 3.92 -7.99
N GLY A 50 -6.07 3.26 -6.95
CA GLY A 50 -6.49 3.58 -5.60
C GLY A 50 -5.55 3.01 -4.55
N GLY A 51 -4.28 2.86 -4.92
CA GLY A 51 -3.31 2.31 -3.98
C GLY A 51 -2.39 1.29 -4.62
N TRP A 52 -1.70 0.51 -3.79
CA TRP A 52 -0.79 -0.51 -4.29
C TRP A 52 -0.78 -1.71 -3.35
N GLY A 53 -0.07 -1.58 -2.24
CA GLY A 53 0.01 -2.66 -1.28
C GLY A 53 -0.59 -2.29 0.07
N GLN A 54 -1.33 -1.19 0.10
CA GLN A 54 -1.96 -0.73 1.33
C GLN A 54 -3.37 -1.32 1.48
N PRO A 55 -3.85 -1.44 2.72
CA PRO A 55 -5.19 -1.98 2.99
C PRO A 55 -6.30 -1.09 2.44
N HIS A 56 -7.43 -1.71 2.09
CA HIS A 56 -8.57 -0.97 1.56
C HIS A 56 -9.63 -0.75 2.63
N GLY A 57 -9.72 -1.70 3.57
CA GLY A 57 -10.69 -1.59 4.63
C GLY A 57 -10.06 -1.31 5.97
N GLY A 58 -8.80 -1.74 6.14
CA GLY A 58 -8.10 -1.50 7.39
C GLY A 58 -6.81 -2.31 7.49
N GLY A 59 -6.80 -3.48 6.87
CA GLY A 59 -5.63 -4.33 6.91
C GLY A 59 -5.63 -5.39 5.83
N TRP A 60 -4.81 -6.42 6.00
CA TRP A 60 -4.72 -7.50 5.03
C TRP A 60 -4.43 -8.83 5.72
N GLY A 61 -3.17 -9.02 6.10
CA GLY A 61 -2.78 -10.25 6.77
C GLY A 61 -2.26 -9.99 8.17
N GLN A 62 -2.48 -8.79 8.69
CA GLN A 62 -2.03 -8.43 10.02
C GLN A 62 -3.06 -8.83 11.08
N PRO A 63 -2.61 -9.07 12.32
CA PRO A 63 -3.50 -9.47 13.41
C PRO A 63 -4.48 -8.36 13.79
N HIS A 64 -5.59 -8.75 14.41
CA HIS A 64 -6.61 -7.79 14.82
C HIS A 64 -6.48 -7.45 16.30
N GLY A 65 -5.99 -8.42 17.08
CA GLY A 65 -5.81 -8.21 18.50
C GLY A 65 -4.36 -8.21 18.91
N GLY A 66 -3.53 -8.92 18.16
CA GLY A 66 -2.11 -8.99 18.46
C GLY A 66 -1.38 -10.03 17.64
N GLY A 67 -2.09 -11.11 17.32
CA GLY A 67 -1.48 -12.18 16.53
C GLY A 67 -2.52 -13.05 15.85
N TRP A 68 -2.10 -14.24 15.43
CA TRP A 68 -2.99 -15.17 14.75
C TRP A 68 -2.62 -16.61 15.09
N GLY A 69 -1.58 -17.11 14.45
CA GLY A 69 -1.14 -18.47 14.69
C GLY A 69 0.37 -18.57 14.87
N GLN A 70 1.01 -17.43 15.14
CA GLN A 70 2.46 -17.40 15.34
C GLN A 70 2.87 -18.30 16.50
N TRP A 36 13.46 10.07 -9.85
CA TRP A 36 13.38 11.52 -10.15
C TRP A 36 12.25 12.19 -9.37
N GLY A 37 12.34 13.51 -9.20
CA GLY A 37 11.33 14.23 -8.48
C GLY A 37 9.95 14.10 -9.10
N GLN A 38 9.74 14.80 -10.21
CA GLN A 38 8.46 14.76 -10.90
C GLN A 38 8.42 13.60 -11.91
N PRO A 39 7.22 13.09 -12.22
CA PRO A 39 7.05 11.98 -13.16
C PRO A 39 7.47 12.36 -14.58
N HIS A 40 7.94 11.37 -15.34
CA HIS A 40 8.38 11.60 -16.71
C HIS A 40 7.33 11.12 -17.71
N GLY A 41 6.17 10.70 -17.21
CA GLY A 41 5.11 10.22 -18.08
C GLY A 41 4.43 8.98 -17.54
N GLY A 42 4.14 8.99 -16.25
CA GLY A 42 3.48 7.84 -15.63
C GLY A 42 3.69 7.78 -14.14
N GLY A 43 3.58 8.94 -13.47
CA GLY A 43 3.75 8.99 -12.04
C GLY A 43 5.09 8.43 -11.58
N TRP A 44 5.16 8.02 -10.33
CA TRP A 44 6.38 7.46 -9.76
C TRP A 44 6.06 6.39 -8.73
N GLY A 45 5.68 6.82 -7.54
CA GLY A 45 5.35 5.90 -6.47
C GLY A 45 3.87 5.87 -6.17
N GLN A 46 3.15 6.91 -6.59
CA GLN A 46 1.71 7.00 -6.36
C GLN A 46 0.99 5.80 -6.98
N PRO A 47 -0.19 5.44 -6.45
CA PRO A 47 -0.97 4.31 -6.96
C PRO A 47 -1.50 4.57 -8.37
N HIS A 48 -1.83 3.49 -9.07
CA HIS A 48 -2.34 3.59 -10.43
C HIS A 48 -3.83 3.25 -10.48
N GLY A 49 -4.24 2.35 -9.60
CA GLY A 49 -5.63 1.95 -9.55
C GLY A 49 -6.22 2.01 -8.15
N GLY A 50 -5.68 2.90 -7.33
CA GLY A 50 -6.15 3.03 -5.96
C GLY A 50 -5.26 2.32 -4.97
N GLY A 51 -4.35 3.08 -4.35
CA GLY A 51 -3.45 2.51 -3.37
C GLY A 51 -2.59 1.40 -3.96
N TRP A 52 -1.89 0.68 -3.09
CA TRP A 52 -1.01 -0.41 -3.52
C TRP A 52 -0.97 -1.52 -2.47
N GLY A 53 -0.21 -1.27 -1.41
CA GLY A 53 -0.11 -2.25 -0.35
C GLY A 53 -0.89 -1.87 0.89
N GLN A 54 -1.18 -0.58 1.03
CA GLN A 54 -1.93 -0.07 2.17
C GLN A 54 -3.35 -0.66 2.18
N PRO A 55 -3.97 -0.74 3.37
CA PRO A 55 -5.32 -1.28 3.51
C PRO A 55 -6.37 -0.38 2.87
N HIS A 56 -7.37 -0.99 2.25
CA HIS A 56 -8.44 -0.26 1.60
C HIS A 56 -9.65 -0.11 2.51
N GLY A 57 -9.85 -1.10 3.38
CA GLY A 57 -10.98 -1.05 4.30
C GLY A 57 -10.54 -1.20 5.75
N GLY A 58 -9.60 -2.11 5.99
CA GLY A 58 -9.12 -2.32 7.35
C GLY A 58 -7.99 -3.35 7.40
N GLY A 59 -6.76 -2.85 7.37
CA GLY A 59 -5.62 -3.74 7.42
C GLY A 59 -5.55 -4.68 6.23
N TRP A 60 -4.65 -5.66 6.29
CA TRP A 60 -4.48 -6.62 5.21
C TRP A 60 -4.04 -7.97 5.75
N GLY A 61 -2.78 -8.07 6.13
CA GLY A 61 -2.25 -9.31 6.66
C GLY A 61 -2.00 -9.23 8.16
N GLN A 62 -1.85 -8.02 8.67
CA GLN A 62 -1.60 -7.81 10.10
C GLN A 62 -2.76 -8.37 10.93
N PRO A 63 -2.48 -8.74 12.19
CA PRO A 63 -3.51 -9.29 13.09
C PRO A 63 -4.57 -8.27 13.43
N HIS A 64 -5.77 -8.75 13.75
CA HIS A 64 -6.89 -7.88 14.10
C HIS A 64 -7.07 -7.83 15.62
N GLY A 65 -6.74 -8.93 16.28
CA GLY A 65 -6.88 -8.99 17.74
C GLY A 65 -5.55 -9.19 18.43
N GLY A 66 -4.64 -9.89 17.77
CA GLY A 66 -3.33 -10.14 18.35
C GLY A 66 -2.33 -10.66 17.33
N GLY A 67 -2.54 -11.89 16.86
CA GLY A 67 -1.65 -12.48 15.89
C GLY A 67 -2.39 -13.18 14.77
N TRP A 68 -1.78 -14.24 14.25
CA TRP A 68 -2.38 -15.00 13.14
C TRP A 68 -1.76 -16.39 13.04
N GLY A 69 -1.19 -16.87 14.14
CA GLY A 69 -0.56 -18.18 14.14
C GLY A 69 0.94 -18.10 14.09
N GLN A 70 1.46 -16.91 13.76
CA GLN A 70 2.91 -16.71 13.67
C GLN A 70 3.58 -17.00 15.00
N TRP A 36 9.53 11.12 -15.82
CA TRP A 36 10.20 12.30 -15.22
C TRP A 36 9.31 12.98 -14.19
N GLY A 37 9.59 14.26 -13.91
CA GLY A 37 8.81 15.00 -12.93
C GLY A 37 7.31 14.78 -13.07
N GLN A 38 6.72 15.41 -14.08
CA GLN A 38 5.28 15.27 -14.32
C GLN A 38 5.01 14.19 -15.37
N PRO A 39 3.80 13.61 -15.34
CA PRO A 39 3.41 12.56 -16.29
C PRO A 39 3.29 13.09 -17.71
N HIS A 40 3.54 12.22 -18.69
CA HIS A 40 3.45 12.60 -20.09
C HIS A 40 2.19 12.05 -20.73
N GLY A 41 1.74 10.90 -20.25
CA GLY A 41 0.54 10.29 -20.78
C GLY A 41 -0.50 9.99 -19.70
N GLY A 42 -0.03 9.51 -18.56
CA GLY A 42 -0.94 9.20 -17.47
C GLY A 42 -0.20 8.75 -16.22
N GLY A 43 0.12 9.70 -15.35
CA GLY A 43 0.83 9.37 -14.12
C GLY A 43 2.16 8.71 -14.38
N TRP A 44 2.77 8.18 -13.32
CA TRP A 44 4.06 7.52 -13.43
C TRP A 44 4.18 6.38 -12.41
N GLY A 45 4.40 6.75 -11.16
CA GLY A 45 4.53 5.77 -10.11
C GLY A 45 3.35 5.79 -9.14
N GLN A 46 2.62 6.89 -9.13
CA GLN A 46 1.46 7.03 -8.26
C GLN A 46 0.44 5.92 -8.53
N PRO A 47 -0.38 5.57 -7.52
CA PRO A 47 -1.39 4.53 -7.64
C PRO A 47 -2.46 4.89 -8.67
N HIS A 48 -3.15 3.87 -9.19
CA HIS A 48 -4.20 4.08 -10.17
C HIS A 48 -5.54 3.62 -9.62
N GLY A 49 -6.38 4.58 -9.26
CA GLY A 49 -7.69 4.26 -8.72
C GLY A 49 -7.69 4.22 -7.20
N GLY A 50 -6.54 3.94 -6.61
CA GLY A 50 -6.43 3.88 -5.16
C GLY A 50 -5.01 3.74 -4.68
N GLY A 51 -4.57 2.49 -4.48
CA GLY A 51 -3.21 2.25 -4.02
C GLY A 51 -2.52 1.16 -4.82
N TRP A 52 -1.67 0.40 -4.14
CA TRP A 52 -0.92 -0.68 -4.79
C TRP A 52 -0.92 -1.93 -3.91
N GLY A 53 -0.07 -1.93 -2.89
CA GLY A 53 0.02 -3.04 -1.99
C GLY A 53 -0.45 -2.71 -0.58
N GLN A 54 -0.69 -1.42 -0.34
CA GLN A 54 -1.15 -0.97 0.98
C GLN A 54 -2.46 -1.65 1.36
N PRO A 55 -2.74 -1.78 2.67
CA PRO A 55 -3.96 -2.41 3.16
C PRO A 55 -5.20 -1.56 2.90
N HIS A 56 -6.28 -2.20 2.47
CA HIS A 56 -7.52 -1.50 2.19
C HIS A 56 -8.56 -1.79 3.25
N GLY A 57 -8.80 -0.82 4.12
CA GLY A 57 -9.77 -0.99 5.19
C GLY A 57 -9.11 -1.21 6.54
N GLY A 58 -7.95 -1.86 6.53
CA GLY A 58 -7.24 -2.12 7.76
C GLY A 58 -6.37 -3.35 7.69
N GLY A 59 -5.10 -3.16 7.34
CA GLY A 59 -4.17 -4.27 7.23
C GLY A 59 -4.69 -5.38 6.33
N TRP A 60 -4.11 -6.57 6.46
CA TRP A 60 -4.50 -7.71 5.65
C TRP A 60 -4.59 -8.97 6.51
N GLY A 61 -3.43 -9.55 6.81
CA GLY A 61 -3.39 -10.75 7.62
C GLY A 61 -2.88 -10.49 9.01
N GLN A 62 -2.16 -9.37 9.19
CA GLN A 62 -1.60 -9.01 10.49
C GLN A 62 -2.71 -8.85 11.52
N PRO A 63 -2.38 -9.04 12.81
CA PRO A 63 -3.35 -8.91 13.90
C PRO A 63 -3.82 -7.46 14.09
N HIS A 64 -5.10 -7.30 14.39
CA HIS A 64 -5.67 -5.97 14.59
C HIS A 64 -5.70 -5.62 16.08
N GLY A 65 -5.86 -6.63 16.91
CA GLY A 65 -5.90 -6.41 18.35
C GLY A 65 -4.80 -7.16 19.09
N GLY A 66 -4.55 -8.40 18.68
CA GLY A 66 -3.52 -9.19 19.32
C GLY A 66 -3.42 -10.59 18.72
N GLY A 67 -2.49 -10.76 17.78
CA GLY A 67 -2.31 -12.05 17.15
C GLY A 67 -3.54 -12.53 16.44
N TRP A 68 -3.53 -13.78 16.01
CA TRP A 68 -4.66 -14.36 15.29
C TRP A 68 -4.77 -15.86 15.58
N GLY A 69 -3.89 -16.64 14.95
CA GLY A 69 -3.90 -18.08 15.15
C GLY A 69 -2.65 -18.56 15.86
N GLN A 70 -1.58 -17.78 15.80
CA GLN A 70 -0.33 -18.14 16.45
C GLN A 70 -0.51 -18.25 17.96
N TRP A 36 14.12 16.26 -5.60
CA TRP A 36 13.22 15.75 -6.66
C TRP A 36 12.09 14.91 -6.08
N GLY A 37 11.23 14.39 -6.94
CA GLY A 37 10.13 13.57 -6.49
C GLY A 37 9.02 13.45 -7.53
N GLN A 38 8.90 14.47 -8.37
CA GLN A 38 7.89 14.47 -9.42
C GLN A 38 8.20 13.43 -10.49
N PRO A 39 7.16 12.93 -11.19
CA PRO A 39 7.34 11.92 -12.25
C PRO A 39 8.07 12.48 -13.46
N HIS A 40 8.85 11.62 -14.12
CA HIS A 40 9.60 12.03 -15.30
C HIS A 40 8.84 11.69 -16.58
N GLY A 41 8.06 10.61 -16.52
CA GLY A 41 7.28 10.20 -17.68
C GLY A 41 5.82 10.00 -17.35
N GLY A 42 5.54 9.40 -16.21
CA GLY A 42 4.16 9.17 -15.80
C GLY A 42 4.06 8.58 -14.41
N GLY A 43 3.86 9.46 -13.42
CA GLY A 43 3.75 9.00 -12.05
C GLY A 43 4.98 8.26 -11.57
N TRP A 44 4.88 7.62 -10.40
CA TRP A 44 5.99 6.88 -9.84
C TRP A 44 5.49 5.70 -9.02
N GLY A 45 5.00 5.98 -7.83
CA GLY A 45 4.49 4.93 -6.96
C GLY A 45 2.98 5.00 -6.77
N GLN A 46 2.39 6.13 -7.18
CA GLN A 46 0.94 6.31 -7.05
C GLN A 46 0.18 5.19 -7.77
N PRO A 47 -1.05 4.91 -7.34
CA PRO A 47 -1.88 3.87 -7.95
C PRO A 47 -2.38 4.27 -9.34
N HIS A 48 -2.62 3.27 -10.18
CA HIS A 48 -3.10 3.51 -11.54
C HIS A 48 -4.61 3.37 -11.61
N GLY A 49 -5.17 2.52 -10.76
CA GLY A 49 -6.60 2.32 -10.75
C GLY A 49 -7.12 1.92 -9.37
N GLY A 50 -6.42 2.35 -8.33
CA GLY A 50 -6.83 2.03 -6.98
C GLY A 50 -5.74 2.30 -5.96
N GLY A 51 -5.13 1.24 -5.44
CA GLY A 51 -4.08 1.39 -4.45
C GLY A 51 -2.82 0.64 -4.84
N TRP A 52 -2.00 0.32 -3.85
CA TRP A 52 -0.74 -0.40 -4.08
C TRP A 52 -0.40 -1.30 -2.91
N GLY A 53 0.14 -0.71 -1.85
CA GLY A 53 0.50 -1.47 -0.68
C GLY A 53 -0.31 -1.07 0.55
N GLN A 54 -1.15 -0.06 0.40
CA GLN A 54 -1.98 0.41 1.50
C GLN A 54 -2.85 -0.72 2.07
N PRO A 55 -3.24 -0.63 3.35
CA PRO A 55 -4.08 -1.64 4.00
C PRO A 55 -5.48 -1.71 3.39
N HIS A 56 -6.10 -2.88 3.49
CA HIS A 56 -7.44 -3.09 2.96
C HIS A 56 -8.48 -3.00 4.08
N GLY A 57 -8.09 -3.39 5.27
CA GLY A 57 -8.99 -3.36 6.41
C GLY A 57 -8.27 -3.15 7.73
N GLY A 58 -7.11 -2.49 7.67
CA GLY A 58 -6.35 -2.23 8.88
C GLY A 58 -4.92 -1.80 8.57
N GLY A 59 -3.96 -2.67 8.86
CA GLY A 59 -2.57 -2.36 8.61
C GLY A 59 -1.90 -3.37 7.71
N TRP A 60 -0.56 -3.42 7.78
CA TRP A 60 0.20 -4.35 6.96
C TRP A 60 1.47 -4.80 7.70
N GLY A 61 2.47 -3.94 7.70
CA GLY A 61 3.72 -4.27 8.38
C GLY A 61 3.96 -3.41 9.60
N GLN A 62 3.21 -2.31 9.72
CA GLN A 62 3.36 -1.40 10.85
C GLN A 62 3.15 -2.14 12.17
N PRO A 63 3.75 -1.63 13.26
CA PRO A 63 3.63 -2.24 14.59
C PRO A 63 2.21 -2.18 15.14
N HIS A 64 1.97 -2.90 16.23
CA HIS A 64 0.65 -2.92 16.86
C HIS A 64 0.68 -2.20 18.20
N GLY A 65 1.82 -2.25 18.88
CA GLY A 65 1.96 -1.60 20.16
C GLY A 65 3.28 -0.87 20.31
N GLY A 66 3.83 -0.43 19.19
CA GLY A 66 5.09 0.29 19.22
C GLY A 66 6.25 -0.55 18.73
N GLY A 67 6.62 -0.37 17.46
CA GLY A 67 7.71 -1.13 16.88
C GLY A 67 7.48 -2.62 16.94
N TRP A 68 8.51 -3.39 16.61
CA TRP A 68 8.42 -4.85 16.61
C TRP A 68 9.75 -5.48 16.99
N GLY A 69 10.66 -5.51 16.03
CA GLY A 69 11.98 -6.09 16.26
C GLY A 69 13.08 -5.05 16.22
N GLN A 70 12.82 -3.93 15.55
CA GLN A 70 13.80 -2.86 15.43
C GLN A 70 14.15 -2.28 16.81
N TRP A 36 10.77 19.97 -8.77
CA TRP A 36 11.03 18.50 -8.75
C TRP A 36 10.87 17.88 -10.13
N GLY A 37 11.29 16.64 -10.27
CA GLY A 37 11.19 15.95 -11.55
C GLY A 37 9.75 15.83 -12.02
N GLN A 38 8.88 15.34 -11.14
CA GLN A 38 7.46 15.18 -11.47
C GLN A 38 7.28 14.29 -12.71
N PRO A 39 6.05 13.81 -12.94
CA PRO A 39 5.75 12.94 -14.09
C PRO A 39 5.82 13.69 -15.41
N HIS A 40 6.61 13.18 -16.35
CA HIS A 40 6.76 13.80 -17.66
C HIS A 40 5.72 13.27 -18.65
N GLY A 41 4.80 12.44 -18.16
CA GLY A 41 3.78 11.89 -19.03
C GLY A 41 2.93 10.85 -18.32
N GLY A 42 2.60 11.11 -17.06
CA GLY A 42 1.79 10.18 -16.30
C GLY A 42 2.07 10.25 -14.81
N GLY A 43 2.84 9.27 -14.31
CA GLY A 43 3.17 9.24 -12.90
C GLY A 43 4.61 8.83 -12.66
N TRP A 44 4.88 8.36 -11.44
CA TRP A 44 6.23 7.94 -11.07
C TRP A 44 6.17 6.78 -10.08
N GLY A 45 5.92 7.10 -8.82
CA GLY A 45 5.84 6.08 -7.79
C GLY A 45 4.47 6.02 -7.12
N GLN A 46 3.48 6.68 -7.74
CA GLN A 46 2.13 6.70 -7.20
C GLN A 46 1.40 5.40 -7.51
N PRO A 47 0.41 5.04 -6.68
CA PRO A 47 -0.37 3.80 -6.86
C PRO A 47 -1.17 3.83 -8.16
N HIS A 48 -1.57 2.64 -8.61
CA HIS A 48 -2.35 2.51 -9.84
C HIS A 48 -3.73 1.92 -9.54
N GLY A 49 -4.75 2.76 -9.60
CA GLY A 49 -6.10 2.30 -9.33
C GLY A 49 -6.51 2.50 -7.89
N GLY A 50 -5.53 2.53 -6.99
CA GLY A 50 -5.81 2.72 -5.58
C GLY A 50 -4.81 2.02 -4.68
N GLY A 51 -3.77 2.76 -4.29
CA GLY A 51 -2.74 2.19 -3.43
C GLY A 51 -2.07 0.97 -4.05
N TRP A 52 -1.47 0.15 -3.20
CA TRP A 52 -0.78 -1.05 -3.66
C TRP A 52 -1.01 -2.21 -2.70
N GLY A 53 -0.28 -2.21 -1.59
CA GLY A 53 -0.43 -3.26 -0.60
C GLY A 53 -0.92 -2.73 0.73
N GLN A 54 -1.42 -1.50 0.74
CA GLN A 54 -1.92 -0.89 1.96
C GLN A 54 -3.41 -1.19 2.15
N PRO A 55 -3.89 -1.17 3.41
CA PRO A 55 -5.29 -1.44 3.72
C PRO A 55 -6.23 -0.36 3.17
N HIS A 56 -7.44 -0.76 2.81
CA HIS A 56 -8.42 0.18 2.27
C HIS A 56 -9.39 0.63 3.36
N GLY A 57 -9.14 0.24 4.60
CA GLY A 57 -10.00 0.62 5.71
C GLY A 57 -10.01 -0.41 6.82
N GLY A 58 -8.84 -0.89 7.19
CA GLY A 58 -8.73 -1.88 8.24
C GLY A 58 -7.35 -2.51 8.33
N GLY A 59 -7.13 -3.52 7.49
CA GLY A 59 -5.83 -4.19 7.48
C GLY A 59 -5.68 -5.13 6.30
N TRP A 60 -4.74 -6.07 6.42
CA TRP A 60 -4.48 -7.02 5.35
C TRP A 60 -4.03 -8.37 5.93
N GLY A 61 -2.77 -8.43 6.33
CA GLY A 61 -2.23 -9.64 6.90
C GLY A 61 -2.04 -9.56 8.40
N GLN A 62 -1.97 -8.33 8.91
CA GLN A 62 -1.79 -8.10 10.34
C GLN A 62 -2.99 -8.62 11.12
N PRO A 63 -2.80 -8.99 12.40
CA PRO A 63 -3.87 -9.50 13.26
C PRO A 63 -4.92 -8.44 13.56
N HIS A 64 -5.96 -8.84 14.28
CA HIS A 64 -7.05 -7.94 14.63
C HIS A 64 -6.88 -7.41 16.06
N GLY A 65 -6.29 -8.23 16.92
CA GLY A 65 -6.07 -7.83 18.29
C GLY A 65 -5.05 -8.70 18.99
N GLY A 66 -4.10 -9.23 18.22
CA GLY A 66 -3.06 -10.06 18.79
C GLY A 66 -2.23 -10.76 17.74
N GLY A 67 -2.63 -11.98 17.37
CA GLY A 67 -1.91 -12.72 16.36
C GLY A 67 -2.83 -13.44 15.40
N TRP A 68 -2.31 -14.50 14.78
CA TRP A 68 -3.09 -15.27 13.81
C TRP A 68 -2.67 -16.75 13.85
N GLY A 69 -1.54 -17.05 13.23
CA GLY A 69 -1.04 -18.41 13.19
C GLY A 69 0.44 -18.49 13.48
N GLN A 70 0.99 -17.43 14.05
CA GLN A 70 2.42 -17.40 14.38
C GLN A 70 2.78 -18.51 15.35
N TRP A 36 10.19 19.68 -7.33
CA TRP A 36 10.55 18.24 -7.18
C TRP A 36 10.85 17.60 -8.53
N GLY A 37 11.41 16.39 -8.50
CA GLY A 37 11.75 15.70 -9.73
C GLY A 37 10.54 15.48 -10.62
N GLN A 38 9.36 15.39 -10.00
CA GLN A 38 8.11 15.18 -10.74
C GLN A 38 8.19 13.94 -11.63
N PRO A 39 7.03 13.33 -11.94
CA PRO A 39 6.96 12.14 -12.79
C PRO A 39 7.42 12.42 -14.21
N HIS A 40 7.87 11.38 -14.90
CA HIS A 40 8.34 11.51 -16.28
C HIS A 40 7.29 11.00 -17.26
N GLY A 41 6.51 10.02 -16.82
CA GLY A 41 5.47 9.46 -17.67
C GLY A 41 4.77 8.28 -17.04
N GLY A 42 4.53 8.36 -15.73
CA GLY A 42 3.86 7.29 -15.03
C GLY A 42 3.90 7.46 -13.52
N GLY A 43 3.73 8.70 -13.07
CA GLY A 43 3.75 8.98 -11.64
C GLY A 43 5.02 8.51 -10.97
N TRP A 44 4.94 8.23 -9.68
CA TRP A 44 6.09 7.78 -8.91
C TRP A 44 5.66 6.81 -7.81
N GLY A 45 5.12 7.35 -6.73
CA GLY A 45 4.68 6.53 -5.62
C GLY A 45 3.17 6.49 -5.51
N GLN A 46 2.50 7.46 -6.11
CA GLN A 46 1.04 7.52 -6.08
C GLN A 46 0.42 6.29 -6.73
N PRO A 47 -0.80 5.91 -6.31
CA PRO A 47 -1.49 4.75 -6.86
C PRO A 47 -1.79 4.89 -8.35
N HIS A 48 -1.58 3.81 -9.09
CA HIS A 48 -1.81 3.81 -10.53
C HIS A 48 -2.97 2.89 -10.90
N GLY A 49 -3.65 2.35 -9.89
CA GLY A 49 -4.78 1.46 -10.14
C GLY A 49 -5.50 1.06 -8.87
N GLY A 50 -5.55 1.98 -7.91
CA GLY A 50 -6.21 1.70 -6.65
C GLY A 50 -5.24 1.45 -5.51
N GLY A 51 -4.84 2.53 -4.84
CA GLY A 51 -3.91 2.40 -3.74
C GLY A 51 -2.60 1.76 -4.14
N TRP A 52 -1.77 1.44 -3.16
CA TRP A 52 -0.47 0.82 -3.41
C TRP A 52 -0.13 -0.18 -2.30
N GLY A 53 0.32 0.34 -1.17
CA GLY A 53 0.68 -0.51 -0.05
C GLY A 53 -0.39 -0.52 1.03
N GLN A 54 -1.20 0.53 1.07
CA GLN A 54 -2.26 0.64 2.07
C GLN A 54 -3.27 -0.50 1.91
N PRO A 55 -3.92 -0.90 3.03
CA PRO A 55 -4.91 -1.98 3.00
C PRO A 55 -6.12 -1.64 2.13
N HIS A 56 -6.79 -2.68 1.64
CA HIS A 56 -7.97 -2.50 0.79
C HIS A 56 -9.24 -2.90 1.54
N GLY A 57 -9.11 -3.85 2.46
CA GLY A 57 -10.25 -4.31 3.22
C GLY A 57 -10.15 -3.93 4.69
N GLY A 58 -9.08 -4.36 5.33
CA GLY A 58 -8.89 -4.06 6.74
C GLY A 58 -7.51 -4.42 7.24
N GLY A 59 -6.52 -4.30 6.35
CA GLY A 59 -5.15 -4.62 6.73
C GLY A 59 -4.41 -5.39 5.65
N TRP A 60 -3.24 -5.91 5.99
CA TRP A 60 -2.42 -6.65 5.04
C TRP A 60 -1.68 -7.79 5.74
N GLY A 61 -0.60 -7.43 6.43
CA GLY A 61 0.20 -8.41 7.14
C GLY A 61 -0.06 -8.40 8.64
N GLN A 62 -0.60 -7.29 9.13
CA GLN A 62 -0.90 -7.16 10.56
C GLN A 62 -1.86 -8.25 11.02
N PRO A 63 -1.81 -8.61 12.31
CA PRO A 63 -2.69 -9.65 12.87
C PRO A 63 -4.16 -9.25 12.82
N HIS A 64 -5.04 -10.25 12.79
CA HIS A 64 -6.48 -10.02 12.75
C HIS A 64 -7.13 -10.38 14.07
N GLY A 65 -6.54 -11.35 14.77
CA GLY A 65 -7.08 -11.78 16.04
C GLY A 65 -6.22 -11.36 17.21
N GLY A 66 -4.98 -11.83 17.23
CA GLY A 66 -4.07 -11.49 18.31
C GLY A 66 -2.64 -11.85 18.00
N GLY A 67 -2.28 -11.83 16.72
CA GLY A 67 -0.92 -12.17 16.32
C GLY A 67 -0.89 -13.08 15.12
N TRP A 68 0.27 -13.67 14.86
CA TRP A 68 0.45 -14.57 13.72
C TRP A 68 1.44 -15.68 14.06
N GLY A 69 2.72 -15.36 14.01
CA GLY A 69 3.75 -16.34 14.32
C GLY A 69 4.88 -15.74 15.13
N GLN A 70 4.58 -14.64 15.82
CA GLN A 70 5.59 -13.97 16.64
C GLN A 70 5.97 -14.83 17.85
N TRP A 36 16.03 12.65 -6.78
CA TRP A 36 14.74 12.63 -7.51
C TRP A 36 13.56 12.64 -6.56
N GLY A 37 12.48 13.30 -6.97
CA GLY A 37 11.30 13.38 -6.13
C GLY A 37 10.05 13.74 -6.92
N GLN A 38 10.04 13.38 -8.20
CA GLN A 38 8.89 13.67 -9.06
C GLN A 38 8.99 12.90 -10.38
N PRO A 39 7.86 12.63 -11.03
CA PRO A 39 7.82 11.90 -12.30
C PRO A 39 8.42 12.70 -13.45
N HIS A 40 9.13 12.02 -14.34
CA HIS A 40 9.75 12.67 -15.48
C HIS A 40 8.86 12.60 -16.72
N GLY A 41 7.64 12.10 -16.55
CA GLY A 41 6.72 11.99 -17.66
C GLY A 41 5.66 10.93 -17.44
N GLY A 42 5.10 10.90 -16.23
CA GLY A 42 4.08 9.92 -15.91
C GLY A 42 3.85 9.78 -14.42
N GLY A 43 4.55 8.83 -13.81
CA GLY A 43 4.41 8.61 -12.38
C GLY A 43 5.62 7.94 -11.77
N TRP A 44 5.44 7.39 -10.58
CA TRP A 44 6.53 6.72 -9.87
C TRP A 44 6.01 5.54 -9.06
N GLY A 45 5.44 5.83 -7.91
CA GLY A 45 4.89 4.78 -7.05
C GLY A 45 3.41 4.94 -6.82
N GLN A 46 2.76 5.77 -7.63
CA GLN A 46 1.33 6.00 -7.49
C GLN A 46 0.53 4.84 -8.06
N PRO A 47 -0.70 4.62 -7.57
CA PRO A 47 -1.56 3.53 -8.03
C PRO A 47 -1.94 3.67 -9.51
N HIS A 48 -2.31 2.56 -10.12
CA HIS A 48 -2.70 2.55 -11.53
C HIS A 48 -4.19 2.32 -11.69
N GLY A 49 -4.77 1.58 -10.75
CA GLY A 49 -6.19 1.29 -10.79
C GLY A 49 -6.85 1.37 -9.43
N GLY A 50 -6.27 2.16 -8.54
CA GLY A 50 -6.81 2.30 -7.20
C GLY A 50 -5.93 1.69 -6.14
N GLY A 51 -5.07 2.51 -5.54
CA GLY A 51 -4.17 2.04 -4.50
C GLY A 51 -3.28 0.91 -4.99
N TRP A 52 -2.51 0.34 -4.07
CA TRP A 52 -1.60 -0.76 -4.40
C TRP A 52 -1.48 -1.74 -3.25
N GLY A 53 -0.69 -1.38 -2.25
CA GLY A 53 -0.51 -2.25 -1.10
C GLY A 53 -0.93 -1.57 0.20
N GLN A 54 -1.70 -0.50 0.08
CA GLN A 54 -2.17 0.24 1.25
C GLN A 54 -3.32 -0.49 1.91
N PRO A 55 -3.53 -0.26 3.22
CA PRO A 55 -4.61 -0.91 3.98
C PRO A 55 -5.99 -0.48 3.49
N HIS A 56 -6.98 -1.34 3.71
CA HIS A 56 -8.35 -1.05 3.29
C HIS A 56 -9.20 -0.62 4.48
N GLY A 57 -8.87 -1.14 5.66
CA GLY A 57 -9.61 -0.79 6.86
C GLY A 57 -8.75 -0.81 8.10
N GLY A 58 -7.46 -0.56 7.93
CA GLY A 58 -6.55 -0.56 9.06
C GLY A 58 -5.09 -0.67 8.63
N GLY A 59 -4.50 -1.83 8.89
CA GLY A 59 -3.11 -2.05 8.53
C GLY A 59 -2.92 -3.25 7.63
N TRP A 60 -1.71 -3.79 7.61
CA TRP A 60 -1.40 -4.95 6.78
C TRP A 60 -0.34 -5.82 7.45
N GLY A 61 0.92 -5.39 7.35
CA GLY A 61 2.01 -6.13 7.93
C GLY A 61 2.64 -5.41 9.12
N GLN A 62 2.39 -4.10 9.20
CA GLN A 62 2.93 -3.30 10.30
C GLN A 62 2.49 -3.84 11.65
N PRO A 63 3.28 -3.59 12.70
CA PRO A 63 2.96 -4.05 14.06
C PRO A 63 1.67 -3.43 14.60
N HIS A 64 1.11 -4.06 15.62
CA HIS A 64 -0.12 -3.56 16.23
C HIS A 64 0.12 -3.20 17.69
N GLY A 65 0.15 -1.91 17.98
CA GLY A 65 0.38 -1.45 19.34
C GLY A 65 1.84 -1.16 19.62
N GLY A 66 2.73 -1.83 18.89
CA GLY A 66 4.15 -1.63 19.08
C GLY A 66 4.97 -2.87 18.77
N GLY A 67 5.43 -2.98 17.53
CA GLY A 67 6.21 -4.13 17.13
C GLY A 67 5.47 -5.44 17.30
N TRP A 68 6.21 -6.53 17.43
CA TRP A 68 5.62 -7.85 17.60
C TRP A 68 6.46 -8.69 18.56
N GLY A 69 7.56 -9.23 18.07
CA GLY A 69 8.43 -10.04 18.89
C GLY A 69 9.89 -9.70 18.71
N GLN A 70 10.16 -8.53 18.14
CA GLN A 70 11.52 -8.08 17.91
C GLN A 70 12.29 -7.96 19.23
N TRP A 36 15.66 15.21 -12.43
CA TRP A 36 14.25 14.77 -12.33
C TRP A 36 13.33 15.91 -11.92
N GLY A 37 12.09 15.58 -11.59
CA GLY A 37 11.13 16.59 -11.19
C GLY A 37 9.70 16.22 -11.54
N GLN A 38 9.54 15.49 -12.64
CA GLN A 38 8.22 15.07 -13.08
C GLN A 38 8.21 13.58 -13.44
N PRO A 39 7.05 12.93 -13.33
CA PRO A 39 6.91 11.50 -13.65
C PRO A 39 7.03 11.22 -15.14
N HIS A 40 7.74 10.17 -15.48
CA HIS A 40 7.93 9.79 -16.88
C HIS A 40 7.12 8.54 -17.22
N GLY A 41 6.03 8.73 -17.94
CA GLY A 41 5.18 7.61 -18.32
C GLY A 41 3.90 7.56 -17.49
N GLY A 42 3.98 8.01 -16.25
CA GLY A 42 2.83 8.00 -15.38
C GLY A 42 3.20 7.86 -13.91
N GLY A 43 3.32 9.00 -13.24
CA GLY A 43 3.67 9.00 -11.82
C GLY A 43 4.93 8.19 -11.53
N TRP A 44 5.12 7.84 -10.27
CA TRP A 44 6.29 7.06 -9.85
C TRP A 44 5.88 5.96 -8.87
N GLY A 45 5.67 6.35 -7.63
CA GLY A 45 5.29 5.39 -6.61
C GLY A 45 3.82 5.53 -6.22
N GLN A 46 3.24 6.70 -6.48
CA GLN A 46 1.85 6.95 -6.15
C GLN A 46 0.94 5.99 -6.90
N PRO A 47 -0.27 5.71 -6.36
CA PRO A 47 -1.23 4.81 -6.99
C PRO A 47 -1.76 5.35 -8.31
N HIS A 48 -2.16 4.45 -9.19
CA HIS A 48 -2.69 4.85 -10.50
C HIS A 48 -4.21 4.76 -10.52
N GLY A 49 -4.76 3.84 -9.73
CA GLY A 49 -6.20 3.68 -9.67
C GLY A 49 -6.62 2.61 -8.68
N GLY A 50 -5.90 2.50 -7.57
CA GLY A 50 -6.21 1.52 -6.56
C GLY A 50 -5.40 1.69 -5.30
N GLY A 51 -4.09 1.50 -5.41
CA GLY A 51 -3.23 1.65 -4.25
C GLY A 51 -1.83 1.11 -4.50
N TRP A 52 -1.11 0.81 -3.42
CA TRP A 52 0.25 0.29 -3.52
C TRP A 52 0.53 -0.69 -2.39
N GLY A 53 0.80 -0.15 -1.20
CA GLY A 53 1.08 -0.98 -0.05
C GLY A 53 -0.09 -1.05 0.91
N GLN A 54 -0.98 -0.06 0.84
CA GLN A 54 -2.14 -0.01 1.72
C GLN A 54 -3.09 -1.17 1.42
N PRO A 55 -3.88 -1.59 2.42
CA PRO A 55 -4.83 -2.70 2.27
C PRO A 55 -5.95 -2.37 1.27
N HIS A 56 -6.44 -3.39 0.59
CA HIS A 56 -7.51 -3.22 -0.40
C HIS A 56 -8.86 -3.66 0.17
N GLY A 57 -8.89 -3.99 1.45
CA GLY A 57 -10.13 -4.43 2.07
C GLY A 57 -9.89 -5.24 3.34
N GLY A 58 -8.74 -5.89 3.40
CA GLY A 58 -8.42 -6.70 4.56
C GLY A 58 -7.26 -6.14 5.36
N GLY A 59 -6.04 -6.44 4.90
CA GLY A 59 -4.86 -5.96 5.60
C GLY A 59 -3.59 -6.21 4.82
N TRP A 60 -2.46 -6.24 5.52
CA TRP A 60 -1.16 -6.46 4.89
C TRP A 60 -0.25 -7.26 5.82
N GLY A 61 0.34 -6.57 6.80
CA GLY A 61 1.22 -7.22 7.74
C GLY A 61 0.65 -7.25 9.14
N GLN A 62 -0.63 -6.91 9.27
CA GLN A 62 -1.29 -6.90 10.57
C GLN A 62 -2.05 -8.20 10.80
N PRO A 63 -2.26 -8.58 12.08
CA PRO A 63 -2.98 -9.81 12.43
C PRO A 63 -4.46 -9.74 12.06
N HIS A 64 -5.00 -10.85 11.58
CA HIS A 64 -6.40 -10.92 11.19
C HIS A 64 -7.25 -11.48 12.31
N GLY A 65 -6.66 -12.36 13.12
CA GLY A 65 -7.37 -12.96 14.22
C GLY A 65 -6.75 -12.64 15.57
N GLY A 66 -5.45 -12.89 15.69
CA GLY A 66 -4.75 -12.62 16.93
C GLY A 66 -3.26 -12.80 16.81
N GLY A 67 -2.57 -11.73 16.42
CA GLY A 67 -1.12 -11.80 16.26
C GLY A 67 -0.70 -12.65 15.09
N TRP A 68 0.60 -12.92 15.00
CA TRP A 68 1.13 -13.72 13.91
C TRP A 68 2.34 -14.53 14.37
N GLY A 69 3.48 -13.87 14.47
CA GLY A 69 4.70 -14.54 14.91
C GLY A 69 5.51 -13.68 15.86
N GLN A 70 4.84 -12.72 16.50
CA GLN A 70 5.51 -11.82 17.43
C GLN A 70 5.93 -12.56 18.69
N TRP A 36 9.46 11.88 -3.53
CA TRP A 36 9.89 12.01 -4.95
C TRP A 36 9.64 13.41 -5.49
N GLY A 37 10.46 13.84 -6.43
CA GLY A 37 10.30 15.15 -7.02
C GLY A 37 9.05 15.27 -7.87
N GLN A 38 8.98 14.47 -8.93
CA GLN A 38 7.83 14.47 -9.82
C GLN A 38 7.97 13.40 -10.90
N PRO A 39 6.84 12.93 -11.45
CA PRO A 39 6.85 11.90 -12.49
C PRO A 39 7.40 12.41 -13.81
N HIS A 40 8.43 11.74 -14.32
CA HIS A 40 9.06 12.13 -15.58
C HIS A 40 8.38 11.44 -16.77
N GLY A 41 7.29 10.73 -16.51
CA GLY A 41 6.59 10.04 -17.57
C GLY A 41 5.39 9.26 -17.06
N GLY A 42 4.70 9.82 -16.08
CA GLY A 42 3.53 9.16 -15.52
C GLY A 42 3.36 9.44 -14.04
N GLY A 43 3.74 8.47 -13.21
CA GLY A 43 3.61 8.64 -11.78
C GLY A 43 4.84 8.16 -11.03
N TRP A 44 4.67 7.83 -9.76
CA TRP A 44 5.77 7.36 -8.92
C TRP A 44 5.27 6.36 -7.89
N GLY A 45 4.65 6.86 -6.83
CA GLY A 45 4.14 6.01 -5.78
C GLY A 45 2.62 5.94 -5.78
N GLN A 46 1.99 6.93 -6.41
CA GLN A 46 0.54 6.98 -6.49
C GLN A 46 -0.02 5.74 -7.19
N PRO A 47 -1.27 5.36 -6.89
CA PRO A 47 -1.91 4.20 -7.50
C PRO A 47 -2.20 4.40 -8.98
N HIS A 48 -2.18 3.31 -9.74
CA HIS A 48 -2.44 3.37 -11.18
C HIS A 48 -3.91 3.06 -11.48
N GLY A 49 -4.51 2.23 -10.63
CA GLY A 49 -5.91 1.87 -10.82
C GLY A 49 -6.59 1.51 -9.51
N GLY A 50 -6.11 2.08 -8.42
CA GLY A 50 -6.69 1.80 -7.12
C GLY A 50 -5.81 2.26 -5.97
N GLY A 51 -5.00 1.35 -5.45
CA GLY A 51 -4.11 1.68 -4.35
C GLY A 51 -2.70 1.18 -4.57
N TRP A 52 -1.95 1.04 -3.48
CA TRP A 52 -0.57 0.56 -3.55
C TRP A 52 -0.22 -0.25 -2.32
N GLY A 53 0.06 0.44 -1.22
CA GLY A 53 0.40 -0.23 0.03
C GLY A 53 -0.74 -0.23 1.02
N GLN A 54 -1.68 0.69 0.84
CA GLN A 54 -2.83 0.80 1.74
C GLN A 54 -3.71 -0.45 1.64
N PRO A 55 -4.46 -0.77 2.71
CA PRO A 55 -5.34 -1.93 2.73
C PRO A 55 -6.55 -1.78 1.82
N HIS A 56 -6.91 -2.85 1.14
CA HIS A 56 -8.05 -2.83 0.23
C HIS A 56 -9.32 -3.26 0.95
N GLY A 57 -9.17 -4.14 1.94
CA GLY A 57 -10.31 -4.63 2.69
C GLY A 57 -10.18 -4.32 4.18
N GLY A 58 -8.96 -4.39 4.69
CA GLY A 58 -8.74 -4.12 6.09
C GLY A 58 -7.32 -3.65 6.38
N GLY A 59 -6.39 -4.59 6.41
CA GLY A 59 -4.99 -4.26 6.67
C GLY A 59 -4.05 -4.87 5.66
N TRP A 60 -2.79 -5.01 6.05
CA TRP A 60 -1.77 -5.58 5.17
C TRP A 60 -0.74 -6.36 5.97
N GLY A 61 0.18 -5.65 6.61
CA GLY A 61 1.20 -6.29 7.40
C GLY A 61 0.96 -6.14 8.89
N GLN A 62 0.15 -5.15 9.27
CA GLN A 62 -0.16 -4.92 10.68
C GLN A 62 -0.81 -6.14 11.31
N PRO A 63 -0.68 -6.30 12.63
CA PRO A 63 -1.27 -7.44 13.35
C PRO A 63 -2.79 -7.35 13.42
N HIS A 64 -3.44 -8.50 13.28
CA HIS A 64 -4.90 -8.55 13.31
C HIS A 64 -5.38 -8.88 14.72
N GLY A 65 -4.59 -9.63 15.47
CA GLY A 65 -4.96 -9.99 16.82
C GLY A 65 -3.75 -10.12 17.74
N GLY A 66 -2.70 -9.38 17.43
CA GLY A 66 -1.50 -9.43 18.24
C GLY A 66 -0.29 -8.86 17.52
N GLY A 67 0.57 -9.74 17.03
CA GLY A 67 1.76 -9.30 16.32
C GLY A 67 1.95 -10.00 14.99
N TRP A 68 3.19 -10.03 14.51
CA TRP A 68 3.50 -10.67 13.24
C TRP A 68 4.90 -11.29 13.27
N GLY A 69 5.91 -10.44 13.13
CA GLY A 69 7.28 -10.92 13.15
C GLY A 69 8.18 -10.06 14.02
N GLN A 70 7.58 -9.25 14.89
CA GLN A 70 8.34 -8.38 15.77
C GLN A 70 9.27 -9.18 16.67
N TRP A 36 13.80 14.25 -4.18
CA TRP A 36 13.19 13.02 -4.78
C TRP A 36 13.45 12.96 -6.28
N GLY A 37 12.95 11.91 -6.92
CA GLY A 37 13.13 11.74 -8.35
C GLY A 37 11.97 12.28 -9.15
N GLN A 38 10.77 12.25 -8.55
CA GLN A 38 9.55 12.73 -9.19
C GLN A 38 9.32 12.03 -10.54
N PRO A 39 8.05 11.99 -11.00
CA PRO A 39 7.69 11.34 -12.26
C PRO A 39 8.16 12.14 -13.48
N HIS A 40 8.86 11.46 -14.39
CA HIS A 40 9.37 12.11 -15.59
C HIS A 40 8.35 12.03 -16.73
N GLY A 41 7.16 11.52 -16.44
CA GLY A 41 6.14 11.40 -17.46
C GLY A 41 5.01 10.47 -17.04
N GLY A 42 4.59 10.58 -15.78
CA GLY A 42 3.51 9.73 -15.29
C GLY A 42 3.50 9.66 -13.77
N GLY A 43 4.09 8.60 -13.23
CA GLY A 43 4.14 8.43 -11.79
C GLY A 43 5.34 7.64 -11.34
N TRP A 44 5.26 7.08 -10.13
CA TRP A 44 6.36 6.30 -9.57
C TRP A 44 5.83 5.18 -8.69
N GLY A 45 5.41 5.52 -7.48
CA GLY A 45 4.88 4.54 -6.56
C GLY A 45 3.39 4.68 -6.36
N GLN A 46 2.84 5.84 -6.70
CA GLN A 46 1.41 6.09 -6.55
C GLN A 46 0.60 5.08 -7.35
N PRO A 47 -0.65 4.83 -6.94
CA PRO A 47 -1.54 3.88 -7.63
C PRO A 47 -1.95 4.38 -9.01
N HIS A 48 -2.27 3.44 -9.90
CA HIS A 48 -2.68 3.77 -11.26
C HIS A 48 -4.19 3.69 -11.40
N GLY A 49 -4.81 2.79 -10.64
CA GLY A 49 -6.25 2.62 -10.70
C GLY A 49 -6.91 2.78 -9.35
N GLY A 50 -6.27 2.24 -8.32
CA GLY A 50 -6.81 2.33 -6.97
C GLY A 50 -5.93 1.67 -5.94
N GLY A 51 -5.03 2.44 -5.34
CA GLY A 51 -4.14 1.90 -4.33
C GLY A 51 -3.24 0.81 -4.88
N TRP A 52 -2.53 0.13 -3.99
CA TRP A 52 -1.63 -0.94 -4.38
C TRP A 52 -1.58 -2.02 -3.32
N GLY A 53 -0.82 -1.77 -2.26
CA GLY A 53 -0.70 -2.73 -1.17
C GLY A 53 -1.22 -2.19 0.15
N GLN A 54 -1.97 -1.09 0.08
CA GLN A 54 -2.53 -0.47 1.29
C GLN A 54 -3.84 -1.14 1.67
N PRO A 55 -4.21 -1.09 2.97
CA PRO A 55 -5.44 -1.70 3.46
C PRO A 55 -6.69 -1.01 2.91
N HIS A 56 -7.75 -1.77 2.71
CA HIS A 56 -9.00 -1.24 2.19
C HIS A 56 -9.99 -0.97 3.31
N GLY A 57 -9.91 -1.79 4.36
CA GLY A 57 -10.80 -1.63 5.49
C GLY A 57 -10.06 -1.56 6.82
N GLY A 58 -9.06 -2.41 6.97
CA GLY A 58 -8.29 -2.41 8.20
C GLY A 58 -7.07 -3.33 8.11
N GLY A 59 -5.93 -2.76 7.75
CA GLY A 59 -4.71 -3.55 7.65
C GLY A 59 -4.81 -4.63 6.59
N TRP A 60 -3.83 -5.52 6.57
CA TRP A 60 -3.80 -6.60 5.60
C TRP A 60 -3.15 -7.84 6.18
N GLY A 61 -1.82 -7.84 6.24
CA GLY A 61 -1.09 -8.96 6.79
C GLY A 61 -0.27 -8.58 8.01
N GLN A 62 -0.56 -7.41 8.57
CA GLN A 62 0.15 -6.94 9.76
C GLN A 62 -0.42 -7.57 11.02
N PRO A 63 0.39 -7.67 12.09
CA PRO A 63 -0.04 -8.26 13.36
C PRO A 63 -1.09 -7.41 14.06
N HIS A 64 -2.05 -8.06 14.70
CA HIS A 64 -3.12 -7.37 15.41
C HIS A 64 -2.80 -7.26 16.90
N GLY A 65 -2.08 -8.24 17.42
CA GLY A 65 -1.72 -8.24 18.83
C GLY A 65 -0.23 -8.39 19.05
N GLY A 66 0.39 -9.28 18.27
CA GLY A 66 1.82 -9.50 18.40
C GLY A 66 2.36 -10.45 17.35
N GLY A 67 2.89 -9.90 16.27
CA GLY A 67 3.43 -10.73 15.20
C GLY A 67 2.39 -11.66 14.61
N TRP A 68 2.84 -12.59 13.77
CA TRP A 68 1.95 -13.54 13.13
C TRP A 68 2.65 -14.88 12.92
N GLY A 69 3.52 -14.94 11.91
CA GLY A 69 4.24 -16.16 11.62
C GLY A 69 5.73 -16.02 11.88
N GLN A 70 6.22 -14.79 11.89
CA GLN A 70 7.64 -14.54 12.13
C GLN A 70 8.04 -15.00 13.53
N TRP A 36 10.91 18.88 -5.71
CA TRP A 36 10.03 18.37 -6.79
C TRP A 36 10.77 17.36 -7.66
N GLY A 37 10.16 16.98 -8.78
CA GLY A 37 10.77 16.03 -9.68
C GLY A 37 9.79 15.50 -10.71
N GLN A 38 8.52 15.39 -10.32
CA GLN A 38 7.46 14.91 -11.21
C GLN A 38 7.81 13.53 -11.77
N PRO A 39 6.78 12.74 -12.14
CA PRO A 39 6.98 11.39 -12.70
C PRO A 39 7.57 11.43 -14.10
N HIS A 40 8.35 10.41 -14.43
CA HIS A 40 8.98 10.32 -15.75
C HIS A 40 8.10 9.53 -16.71
N GLY A 41 7.34 8.57 -16.17
CA GLY A 41 6.46 7.77 -16.99
C GLY A 41 4.99 8.01 -16.71
N GLY A 42 4.71 8.41 -15.47
CA GLY A 42 3.33 8.68 -15.09
C GLY A 42 3.19 9.01 -13.62
N GLY A 43 3.82 8.20 -12.77
CA GLY A 43 3.75 8.43 -11.34
C GLY A 43 5.01 8.00 -10.62
N TRP A 44 4.90 7.81 -9.31
CA TRP A 44 6.04 7.40 -8.49
C TRP A 44 5.59 6.49 -7.35
N GLY A 45 5.05 7.10 -6.30
CA GLY A 45 4.59 6.34 -5.15
C GLY A 45 3.08 6.39 -5.01
N GLN A 46 2.39 6.88 -6.04
CA GLN A 46 0.93 6.98 -6.01
C GLN A 46 0.30 5.83 -6.80
N PRO A 47 -0.94 5.46 -6.45
CA PRO A 47 -1.66 4.38 -7.14
C PRO A 47 -2.01 4.74 -8.58
N HIS A 48 -2.11 3.72 -9.43
CA HIS A 48 -2.45 3.93 -10.83
C HIS A 48 -3.94 3.72 -11.08
N GLY A 49 -4.55 2.85 -10.27
CA GLY A 49 -5.97 2.58 -10.41
C GLY A 49 -6.60 2.13 -9.11
N GLY A 50 -6.01 2.55 -7.99
CA GLY A 50 -6.54 2.18 -6.69
C GLY A 50 -5.57 2.48 -5.57
N GLY A 51 -4.77 1.48 -5.21
CA GLY A 51 -3.80 1.66 -4.14
C GLY A 51 -2.44 1.12 -4.51
N TRP A 52 -1.63 0.83 -3.49
CA TRP A 52 -0.27 0.32 -3.71
C TRP A 52 0.11 -0.65 -2.59
N GLY A 53 0.50 -0.10 -1.44
CA GLY A 53 0.88 -0.92 -0.32
C GLY A 53 -0.06 -0.80 0.85
N GLN A 54 -1.21 -0.16 0.63
CA GLN A 54 -2.21 0.04 1.67
C GLN A 54 -3.25 -1.10 1.64
N PRO A 55 -3.86 -1.39 2.80
CA PRO A 55 -4.88 -2.45 2.89
C PRO A 55 -6.11 -2.13 2.06
N HIS A 56 -6.80 -3.19 1.61
CA HIS A 56 -8.00 -3.03 0.81
C HIS A 56 -9.24 -3.39 1.62
N GLY A 57 -9.07 -4.30 2.59
CA GLY A 57 -10.19 -4.71 3.41
C GLY A 57 -9.75 -5.27 4.75
N GLY A 58 -8.58 -4.84 5.21
CA GLY A 58 -8.06 -5.31 6.48
C GLY A 58 -6.60 -5.71 6.41
N GLY A 59 -5.72 -4.74 6.66
CA GLY A 59 -4.29 -5.00 6.63
C GLY A 59 -3.84 -5.56 5.29
N TRP A 60 -2.56 -5.91 5.21
CA TRP A 60 -1.98 -6.45 3.98
C TRP A 60 -0.96 -7.53 4.29
N GLY A 61 0.24 -7.11 4.67
CA GLY A 61 1.29 -8.06 4.99
C GLY A 61 1.75 -7.94 6.43
N GLN A 62 0.93 -7.32 7.27
CA GLN A 62 1.27 -7.14 8.68
C GLN A 62 0.88 -8.38 9.49
N PRO A 63 1.56 -8.61 10.63
CA PRO A 63 1.28 -9.75 11.50
C PRO A 63 -0.09 -9.67 12.15
N HIS A 64 -0.61 -10.81 12.57
CA HIS A 64 -1.92 -10.87 13.21
C HIS A 64 -1.79 -11.14 14.70
N GLY A 65 -0.74 -11.88 15.08
CA GLY A 65 -0.52 -12.18 16.47
C GLY A 65 0.92 -11.97 16.90
N GLY A 66 1.60 -11.06 16.22
CA GLY A 66 2.98 -10.77 16.55
C GLY A 66 3.95 -11.36 15.54
N GLY A 67 4.33 -10.55 14.55
CA GLY A 67 5.25 -11.03 13.53
C GLY A 67 4.73 -12.24 12.78
N TRP A 68 5.60 -12.85 11.99
CA TRP A 68 5.22 -14.02 11.20
C TRP A 68 6.41 -14.97 11.04
N GLY A 69 7.31 -14.62 10.13
CA GLY A 69 8.49 -15.43 9.90
C GLY A 69 9.76 -14.62 9.81
N GLN A 70 9.71 -13.39 10.31
CA GLN A 70 10.87 -12.50 10.28
C GLN A 70 12.03 -13.12 11.06
N TRP A 36 17.28 9.90 -5.28
CA TRP A 36 16.07 10.51 -5.87
C TRP A 36 15.66 9.77 -7.15
N GLY A 37 14.37 9.78 -7.44
CA GLY A 37 13.86 9.11 -8.62
C GLY A 37 12.52 9.64 -9.07
N GLN A 38 12.48 10.93 -9.40
CA GLN A 38 11.24 11.57 -9.86
C GLN A 38 10.68 10.87 -11.09
N PRO A 39 9.36 10.96 -11.31
CA PRO A 39 8.71 10.33 -12.46
C PRO A 39 9.13 10.97 -13.79
N HIS A 40 9.57 10.13 -14.72
CA HIS A 40 10.01 10.62 -16.02
C HIS A 40 8.87 10.55 -17.05
N GLY A 41 7.67 10.21 -16.59
CA GLY A 41 6.53 10.11 -17.49
C GLY A 41 5.21 10.32 -16.76
N GLY A 42 5.07 9.70 -15.60
CA GLY A 42 3.85 9.83 -14.83
C GLY A 42 4.08 9.72 -13.33
N GLY A 43 4.41 8.51 -12.88
CA GLY A 43 4.66 8.29 -11.47
C GLY A 43 5.70 7.23 -11.22
N TRP A 44 5.66 6.63 -10.03
CA TRP A 44 6.62 5.60 -9.66
C TRP A 44 5.98 4.58 -8.73
N GLY A 45 5.86 4.93 -7.46
CA GLY A 45 5.25 4.03 -6.49
C GLY A 45 3.96 4.59 -5.93
N GLN A 46 3.44 5.65 -6.54
CA GLN A 46 2.21 6.26 -6.08
C GLN A 46 0.98 5.51 -6.63
N PRO A 47 -0.17 5.63 -5.97
CA PRO A 47 -1.40 4.96 -6.39
C PRO A 47 -2.07 5.67 -7.57
N HIS A 48 -2.72 4.89 -8.42
CA HIS A 48 -3.41 5.45 -9.59
C HIS A 48 -4.91 5.26 -9.48
N GLY A 49 -5.62 6.36 -9.24
CA GLY A 49 -7.06 6.30 -9.11
C GLY A 49 -7.52 5.35 -8.02
N GLY A 50 -6.69 5.19 -6.99
CA GLY A 50 -7.03 4.31 -5.90
C GLY A 50 -5.82 3.89 -5.08
N GLY A 51 -5.43 2.63 -5.19
CA GLY A 51 -4.29 2.14 -4.46
C GLY A 51 -3.59 0.99 -5.16
N TRP A 52 -2.54 0.47 -4.53
CA TRP A 52 -1.77 -0.64 -5.09
C TRP A 52 -1.74 -1.81 -4.13
N GLY A 53 -0.89 -1.72 -3.11
CA GLY A 53 -0.77 -2.78 -2.14
C GLY A 53 -1.34 -2.38 -0.79
N GLN A 54 -1.46 -1.08 -0.56
CA GLN A 54 -1.99 -0.57 0.70
C GLN A 54 -3.40 -1.10 0.96
N PRO A 55 -3.80 -1.19 2.24
CA PRO A 55 -5.14 -1.68 2.62
C PRO A 55 -6.26 -0.77 2.11
N HIS A 56 -7.43 -1.35 1.90
CA HIS A 56 -8.59 -0.61 1.41
C HIS A 56 -9.60 -0.40 2.53
N GLY A 57 -9.67 -1.35 3.45
CA GLY A 57 -10.60 -1.26 4.56
C GLY A 57 -9.91 -0.96 5.88
N GLY A 58 -9.06 -1.88 6.31
CA GLY A 58 -8.35 -1.69 7.57
C GLY A 58 -7.17 -2.62 7.71
N GLY A 59 -6.58 -3.02 6.59
CA GLY A 59 -5.43 -3.91 6.62
C GLY A 59 -5.53 -5.00 5.57
N TRP A 60 -4.71 -6.04 5.72
CA TRP A 60 -4.69 -7.15 4.78
C TRP A 60 -4.39 -8.46 5.50
N GLY A 61 -3.11 -8.68 5.80
CA GLY A 61 -2.71 -9.89 6.49
C GLY A 61 -2.12 -9.62 7.87
N GLN A 62 -2.31 -8.39 8.35
CA GLN A 62 -1.78 -8.01 9.66
C GLN A 62 -2.76 -8.38 10.77
N PRO A 63 -2.25 -8.60 12.00
CA PRO A 63 -3.09 -8.96 13.15
C PRO A 63 -4.03 -7.83 13.56
N HIS A 64 -5.16 -8.20 14.16
CA HIS A 64 -6.14 -7.21 14.61
C HIS A 64 -6.13 -7.09 16.13
N GLY A 65 -5.81 -8.19 16.81
CA GLY A 65 -5.77 -8.18 18.26
C GLY A 65 -4.48 -8.75 18.81
N GLY A 66 -3.41 -8.64 18.04
CA GLY A 66 -2.12 -9.16 18.47
C GLY A 66 -1.79 -10.50 17.83
N GLY A 67 -1.02 -10.45 16.74
CA GLY A 67 -0.64 -11.68 16.05
C GLY A 67 -1.84 -12.46 15.56
N TRP A 68 -1.60 -13.69 15.12
CA TRP A 68 -2.66 -14.54 14.61
C TRP A 68 -2.38 -16.01 14.91
N GLY A 69 -1.49 -16.60 14.13
CA GLY A 69 -1.12 -17.99 14.32
C GLY A 69 0.38 -18.22 14.27
N GLN A 70 1.15 -17.14 14.44
CA GLN A 70 2.60 -17.23 14.40
C GLN A 70 3.12 -18.15 15.51
N TRP A 36 17.57 11.22 -7.88
CA TRP A 36 16.20 11.38 -8.42
C TRP A 36 15.15 11.04 -7.37
N GLY A 37 13.95 11.59 -7.55
CA GLY A 37 12.87 11.34 -6.60
C GLY A 37 11.58 12.01 -7.02
N GLN A 38 11.19 11.83 -8.27
CA GLN A 38 9.96 12.42 -8.79
C GLN A 38 9.66 11.89 -10.19
N PRO A 39 8.37 11.89 -10.58
CA PRO A 39 7.95 11.41 -11.91
C PRO A 39 8.43 12.33 -13.03
N HIS A 40 8.66 11.76 -14.20
CA HIS A 40 9.12 12.53 -15.35
C HIS A 40 7.94 12.93 -16.24
N GLY A 41 6.91 12.09 -16.26
CA GLY A 41 5.74 12.37 -17.08
C GLY A 41 4.59 11.41 -16.78
N GLY A 42 4.45 11.03 -15.52
CA GLY A 42 3.39 10.12 -15.14
C GLY A 42 3.37 9.83 -13.66
N GLY A 43 4.23 8.92 -13.22
CA GLY A 43 4.29 8.56 -11.81
C GLY A 43 5.48 7.68 -11.48
N TRP A 44 5.39 6.97 -10.37
CA TRP A 44 6.47 6.08 -9.93
C TRP A 44 5.90 4.87 -9.22
N GLY A 45 5.52 5.05 -7.96
CA GLY A 45 4.96 3.96 -7.18
C GLY A 45 3.53 4.22 -6.74
N GLN A 46 2.92 5.25 -7.32
CA GLN A 46 1.55 5.60 -6.98
C GLN A 46 0.55 4.68 -7.67
N PRO A 47 -0.65 4.51 -7.09
CA PRO A 47 -1.69 3.63 -7.65
C PRO A 47 -2.21 4.16 -8.99
N HIS A 48 -2.64 3.24 -9.85
CA HIS A 48 -3.15 3.61 -11.16
C HIS A 48 -4.68 3.61 -11.16
N GLY A 49 -5.28 3.43 -9.99
CA GLY A 49 -6.73 3.42 -9.89
C GLY A 49 -7.22 3.01 -8.51
N GLY A 50 -6.52 3.47 -7.47
CA GLY A 50 -6.90 3.14 -6.12
C GLY A 50 -5.71 3.05 -5.19
N GLY A 51 -5.23 1.85 -4.95
CA GLY A 51 -4.09 1.65 -4.07
C GLY A 51 -3.12 0.62 -4.60
N TRP A 52 -2.33 0.04 -3.69
CA TRP A 52 -1.34 -0.97 -4.07
C TRP A 52 -1.15 -1.99 -2.95
N GLY A 53 -0.41 -1.59 -1.92
CA GLY A 53 -0.17 -2.48 -0.80
C GLY A 53 -0.97 -2.08 0.43
N GLN A 54 -1.40 -0.82 0.47
CA GLN A 54 -2.18 -0.32 1.60
C GLN A 54 -3.53 -1.02 1.69
N PRO A 55 -4.12 -1.08 2.89
CA PRO A 55 -5.41 -1.74 3.11
C PRO A 55 -6.55 -0.99 2.42
N HIS A 56 -7.62 -1.72 2.11
CA HIS A 56 -8.78 -1.12 1.45
C HIS A 56 -9.90 -0.85 2.44
N GLY A 57 -9.98 -1.68 3.48
CA GLY A 57 -11.00 -1.50 4.49
C GLY A 57 -10.43 -1.41 5.89
N GLY A 58 -9.52 -2.33 6.22
CA GLY A 58 -8.90 -2.33 7.53
C GLY A 58 -7.76 -3.33 7.64
N GLY A 59 -6.57 -2.89 7.27
CA GLY A 59 -5.41 -3.76 7.33
C GLY A 59 -5.43 -4.82 6.26
N TRP A 60 -4.52 -5.79 6.37
CA TRP A 60 -4.42 -6.87 5.40
C TRP A 60 -3.95 -8.16 6.06
N GLY A 61 -2.66 -8.23 6.35
CA GLY A 61 -2.11 -9.40 6.99
C GLY A 61 -1.76 -9.16 8.46
N GLN A 62 -1.58 -7.90 8.82
CA GLN A 62 -1.24 -7.54 10.18
C GLN A 62 -2.33 -7.99 11.15
N PRO A 63 -1.97 -8.22 12.43
CA PRO A 63 -2.93 -8.66 13.45
C PRO A 63 -3.94 -7.57 13.79
N HIS A 64 -5.19 -7.98 14.00
CA HIS A 64 -6.25 -7.05 14.34
C HIS A 64 -6.45 -6.96 15.85
N GLY A 65 -6.19 -8.07 16.54
CA GLY A 65 -6.34 -8.10 17.98
C GLY A 65 -5.08 -8.55 18.69
N GLY A 66 -4.41 -9.57 18.12
CA GLY A 66 -3.20 -10.07 18.72
C GLY A 66 -2.56 -11.16 17.89
N GLY A 67 -1.58 -10.79 17.07
CA GLY A 67 -0.91 -11.76 16.23
C GLY A 67 -1.86 -12.47 15.28
N TRP A 68 -1.35 -13.51 14.62
CA TRP A 68 -2.16 -14.28 13.67
C TRP A 68 -1.74 -15.74 13.66
N GLY A 69 -0.63 -16.02 13.00
CA GLY A 69 -0.12 -17.38 12.91
C GLY A 69 1.37 -17.46 13.18
N GLN A 70 1.91 -16.42 13.80
CA GLN A 70 3.34 -16.39 14.12
C GLN A 70 3.63 -17.17 15.40
N TRP A 36 18.18 8.36 -8.38
CA TRP A 36 17.03 9.30 -8.48
C TRP A 36 15.92 8.90 -7.52
N GLY A 37 14.86 9.69 -7.48
CA GLY A 37 13.74 9.42 -6.60
C GLY A 37 12.56 10.34 -6.85
N GLN A 38 12.22 10.55 -8.11
CA GLN A 38 11.10 11.42 -8.46
C GLN A 38 10.62 11.14 -9.88
N PRO A 39 9.35 11.44 -10.17
CA PRO A 39 8.77 11.21 -11.50
C PRO A 39 9.34 12.15 -12.55
N HIS A 40 9.37 11.68 -13.80
CA HIS A 40 9.90 12.49 -14.90
C HIS A 40 8.78 13.23 -15.61
N GLY A 41 7.59 12.63 -15.62
CA GLY A 41 6.45 13.26 -16.27
C GLY A 41 5.15 12.54 -15.96
N GLY A 42 5.04 12.02 -14.74
CA GLY A 42 3.84 11.32 -14.34
C GLY A 42 3.89 10.85 -12.90
N GLY A 43 4.50 9.70 -12.67
CA GLY A 43 4.60 9.16 -11.34
C GLY A 43 5.59 8.02 -11.23
N TRP A 44 5.45 7.20 -10.20
CA TRP A 44 6.35 6.08 -9.99
C TRP A 44 5.60 4.90 -9.36
N GLY A 45 5.39 4.98 -8.06
CA GLY A 45 4.69 3.92 -7.36
C GLY A 45 3.38 4.40 -6.73
N GLN A 46 2.94 5.59 -7.14
CA GLN A 46 1.70 6.16 -6.61
C GLN A 46 0.49 5.56 -7.31
N PRO A 47 -0.67 5.54 -6.63
CA PRO A 47 -1.91 4.99 -7.19
C PRO A 47 -2.44 5.83 -8.35
N HIS A 48 -3.14 5.17 -9.27
CA HIS A 48 -3.71 5.85 -10.43
C HIS A 48 -5.16 6.22 -10.18
N GLY A 49 -5.84 5.41 -9.38
CA GLY A 49 -7.24 5.67 -9.08
C GLY A 49 -7.77 4.78 -7.97
N GLY A 50 -6.93 4.53 -6.96
CA GLY A 50 -7.34 3.69 -5.85
C GLY A 50 -6.23 3.50 -4.84
N GLY A 51 -5.34 2.57 -5.11
CA GLY A 51 -4.23 2.29 -4.21
C GLY A 51 -3.18 1.38 -4.82
N TRP A 52 -2.40 0.73 -3.97
CA TRP A 52 -1.35 -0.16 -4.43
C TRP A 52 -1.17 -1.33 -3.46
N GLY A 53 -0.50 -1.06 -2.34
CA GLY A 53 -0.27 -2.09 -1.35
C GLY A 53 -1.11 -1.89 -0.10
N GLN A 54 -1.59 -0.66 0.10
CA GLN A 54 -2.40 -0.34 1.26
C GLN A 54 -3.68 -1.19 1.28
N PRO A 55 -4.25 -1.42 2.48
CA PRO A 55 -5.46 -2.22 2.63
C PRO A 55 -6.68 -1.54 2.01
N HIS A 56 -7.65 -2.35 1.59
CA HIS A 56 -8.87 -1.83 0.99
C HIS A 56 -10.04 -1.92 1.95
N GLY A 57 -10.02 -2.94 2.82
CA GLY A 57 -11.08 -3.12 3.78
C GLY A 57 -10.57 -3.28 5.20
N GLY A 58 -9.42 -2.67 5.48
CA GLY A 58 -8.84 -2.75 6.81
C GLY A 58 -7.77 -3.82 6.90
N GLY A 59 -6.52 -3.41 6.73
CA GLY A 59 -5.42 -4.35 6.79
C GLY A 59 -5.50 -5.43 5.74
N TRP A 60 -4.65 -6.44 5.86
CA TRP A 60 -4.62 -7.54 4.90
C TRP A 60 -4.24 -8.85 5.59
N GLY A 61 -2.96 -9.02 5.85
CA GLY A 61 -2.47 -10.21 6.50
C GLY A 61 -1.88 -9.94 7.87
N GLN A 62 -2.11 -8.74 8.39
CA GLN A 62 -1.59 -8.35 9.69
C GLN A 62 -2.62 -8.61 10.79
N PRO A 63 -2.16 -8.82 12.03
CA PRO A 63 -3.04 -9.10 13.17
C PRO A 63 -3.93 -7.90 13.51
N HIS A 64 -5.12 -8.17 14.02
CA HIS A 64 -6.06 -7.12 14.39
C HIS A 64 -6.03 -6.88 15.90
N GLY A 65 -5.75 -7.95 16.66
CA GLY A 65 -5.69 -7.83 18.10
C GLY A 65 -4.29 -7.97 18.64
N GLY A 66 -3.45 -8.71 17.92
CA GLY A 66 -2.07 -8.91 18.36
C GLY A 66 -1.33 -9.89 17.48
N GLY A 67 -1.99 -10.99 17.14
CA GLY A 67 -1.36 -12.00 16.30
C GLY A 67 -2.37 -12.83 15.53
N TRP A 68 -1.94 -13.99 15.07
CA TRP A 68 -2.81 -14.88 14.29
C TRP A 68 -2.48 -16.34 14.58
N GLY A 69 -1.41 -16.83 13.96
CA GLY A 69 -1.00 -18.20 14.16
C GLY A 69 0.51 -18.33 14.29
N GLN A 70 1.16 -17.24 14.65
CA GLN A 70 2.61 -17.22 14.82
C GLN A 70 3.04 -18.06 16.02
N TRP A 36 15.34 4.59 -10.20
CA TRP A 36 14.44 5.70 -10.63
C TRP A 36 14.36 6.78 -9.57
N GLY A 37 14.32 8.04 -10.01
CA GLY A 37 14.23 9.15 -9.07
C GLY A 37 12.97 9.97 -9.26
N GLN A 38 12.54 10.11 -10.51
CA GLN A 38 11.35 10.88 -10.83
C GLN A 38 10.60 10.27 -12.02
N PRO A 39 9.28 10.50 -12.10
CA PRO A 39 8.46 9.97 -13.20
C PRO A 39 8.80 10.60 -14.54
N HIS A 40 8.57 9.87 -15.62
CA HIS A 40 8.85 10.35 -16.96
C HIS A 40 7.58 10.90 -17.62
N GLY A 41 6.44 10.32 -17.26
CA GLY A 41 5.18 10.77 -17.82
C GLY A 41 3.99 10.08 -17.18
N GLY A 42 4.09 9.81 -15.88
CA GLY A 42 3.01 9.16 -15.17
C GLY A 42 3.27 9.08 -13.68
N GLY A 43 4.15 8.17 -13.28
CA GLY A 43 4.47 8.01 -11.88
C GLY A 43 5.51 6.94 -11.63
N TRP A 44 5.56 6.42 -10.41
CA TRP A 44 6.52 5.40 -10.04
C TRP A 44 5.93 4.44 -9.02
N GLY A 45 5.88 4.87 -7.77
CA GLY A 45 5.33 4.04 -6.71
C GLY A 45 3.94 4.48 -6.30
N GLN A 46 3.59 5.73 -6.60
CA GLN A 46 2.28 6.26 -6.25
C GLN A 46 1.18 5.53 -7.02
N PRO A 47 -0.04 5.52 -6.47
CA PRO A 47 -1.18 4.85 -7.11
C PRO A 47 -1.64 5.56 -8.38
N HIS A 48 -1.93 4.79 -9.42
CA HIS A 48 -2.39 5.35 -10.68
C HIS A 48 -3.91 5.40 -10.74
N GLY A 49 -4.55 4.46 -10.05
CA GLY A 49 -6.00 4.41 -10.04
C GLY A 49 -6.57 4.48 -8.62
N GLY A 50 -5.89 3.81 -7.69
CA GLY A 50 -6.35 3.80 -6.32
C GLY A 50 -5.21 3.73 -5.32
N GLY A 51 -4.77 2.52 -5.03
CA GLY A 51 -3.68 2.33 -4.08
C GLY A 51 -2.60 1.41 -4.61
N TRP A 52 -1.85 0.80 -3.70
CA TRP A 52 -0.77 -0.11 -4.08
C TRP A 52 -0.61 -1.22 -3.05
N GLY A 53 0.00 -0.90 -1.92
CA GLY A 53 0.20 -1.88 -0.87
C GLY A 53 -0.80 -1.71 0.26
N GLN A 54 -1.40 -0.54 0.36
CA GLN A 54 -2.37 -0.26 1.42
C GLN A 54 -3.55 -1.24 1.34
N PRO A 55 -4.22 -1.49 2.48
CA PRO A 55 -5.36 -2.41 2.54
C PRO A 55 -6.56 -1.89 1.75
N HIS A 56 -7.40 -2.80 1.29
CA HIS A 56 -8.59 -2.44 0.52
C HIS A 56 -9.86 -2.68 1.34
N GLY A 57 -9.80 -3.67 2.23
CA GLY A 57 -10.96 -3.99 3.05
C GLY A 57 -10.60 -4.14 4.52
N GLY A 58 -9.53 -3.47 4.94
CA GLY A 58 -9.10 -3.54 6.32
C GLY A 58 -7.87 -4.41 6.50
N GLY A 59 -6.71 -3.78 6.54
CA GLY A 59 -5.47 -4.53 6.71
C GLY A 59 -5.25 -5.55 5.62
N TRP A 60 -4.24 -6.40 5.80
CA TRP A 60 -3.91 -7.42 4.83
C TRP A 60 -3.37 -8.68 5.52
N GLY A 61 -2.11 -8.61 5.93
CA GLY A 61 -1.49 -9.73 6.61
C GLY A 61 -1.38 -9.52 8.10
N GLN A 62 -1.43 -8.25 8.53
CA GLN A 62 -1.32 -7.93 9.95
C GLN A 62 -2.43 -8.61 10.75
N PRO A 63 -2.18 -8.86 12.04
CA PRO A 63 -3.17 -9.50 12.93
C PRO A 63 -4.47 -8.72 13.02
N HIS A 64 -5.53 -9.39 13.45
CA HIS A 64 -6.84 -8.76 13.59
C HIS A 64 -7.24 -8.68 15.06
N GLY A 65 -6.79 -9.65 15.85
CA GLY A 65 -7.13 -9.69 17.26
C GLY A 65 -5.91 -9.55 18.14
N GLY A 66 -4.82 -9.03 17.59
CA GLY A 66 -3.60 -8.85 18.35
C GLY A 66 -2.55 -9.92 18.04
N GLY A 67 -2.80 -10.71 17.00
CA GLY A 67 -1.86 -11.75 16.63
C GLY A 67 -2.47 -12.81 15.74
N TRP A 68 -1.73 -13.88 15.51
CA TRP A 68 -2.20 -14.97 14.66
C TRP A 68 -1.58 -16.29 15.10
N GLY A 69 -0.27 -16.34 15.07
CA GLY A 69 0.46 -17.53 15.47
C GLY A 69 1.84 -17.20 15.97
N GLN A 70 2.53 -16.33 15.24
CA GLN A 70 3.88 -15.91 15.61
C GLN A 70 4.75 -17.09 16.03
N TRP A 36 11.49 11.68 -3.65
CA TRP A 36 11.14 11.98 -5.06
C TRP A 36 10.59 13.40 -5.21
N GLY A 37 10.83 14.00 -6.36
CA GLY A 37 10.34 15.35 -6.60
C GLY A 37 9.13 15.38 -7.51
N GLN A 38 9.19 14.61 -8.60
CA GLN A 38 8.09 14.55 -9.55
C GLN A 38 8.30 13.42 -10.55
N PRO A 39 7.21 12.89 -11.13
CA PRO A 39 7.29 11.81 -12.12
C PRO A 39 7.93 12.24 -13.42
N HIS A 40 8.51 11.28 -14.14
CA HIS A 40 9.17 11.57 -15.41
C HIS A 40 8.29 11.14 -16.59
N GLY A 41 7.50 10.09 -16.38
CA GLY A 41 6.62 9.60 -17.43
C GLY A 41 5.18 9.55 -17.00
N GLY A 42 4.94 9.07 -15.78
CA GLY A 42 3.58 8.98 -15.27
C GLY A 42 3.53 8.47 -13.85
N GLY A 43 3.49 9.40 -12.89
CA GLY A 43 3.43 9.02 -11.48
C GLY A 43 4.66 8.25 -11.05
N TRP A 44 4.60 7.69 -9.85
CA TRP A 44 5.73 6.93 -9.30
C TRP A 44 5.23 5.82 -8.39
N GLY A 45 4.82 6.19 -7.19
CA GLY A 45 4.32 5.22 -6.24
C GLY A 45 2.81 5.29 -6.06
N GLN A 46 2.23 6.45 -6.39
CA GLN A 46 0.80 6.64 -6.27
C GLN A 46 0.03 5.64 -7.13
N PRO A 47 -1.22 5.33 -6.75
CA PRO A 47 -2.06 4.37 -7.48
C PRO A 47 -2.45 4.90 -8.85
N HIS A 48 -2.69 3.98 -9.79
CA HIS A 48 -3.09 4.36 -11.14
C HIS A 48 -4.60 4.28 -11.30
N GLY A 49 -5.22 3.36 -10.57
CA GLY A 49 -6.67 3.20 -10.64
C GLY A 49 -7.25 2.64 -9.37
N GLY A 50 -6.58 2.89 -8.24
CA GLY A 50 -7.05 2.39 -6.97
C GLY A 50 -6.03 2.55 -5.86
N GLY A 51 -5.36 1.46 -5.52
CA GLY A 51 -4.36 1.50 -4.47
C GLY A 51 -3.06 0.83 -4.88
N TRP A 52 -2.26 0.44 -3.89
CA TRP A 52 -0.98 -0.20 -4.15
C TRP A 52 -0.66 -1.22 -3.06
N GLY A 53 -0.23 -0.72 -1.91
CA GLY A 53 0.11 -1.60 -0.80
C GLY A 53 -0.93 -1.55 0.30
N GLN A 54 -1.70 -0.47 0.35
CA GLN A 54 -2.74 -0.31 1.37
C GLN A 54 -3.76 -1.44 1.29
N PRO A 55 -4.42 -1.75 2.42
CA PRO A 55 -5.42 -2.82 2.47
C PRO A 55 -6.66 -2.50 1.63
N HIS A 56 -7.34 -3.54 1.18
CA HIS A 56 -8.55 -3.36 0.37
C HIS A 56 -9.80 -3.76 1.15
N GLY A 57 -9.63 -4.71 2.08
CA GLY A 57 -10.75 -5.16 2.88
C GLY A 57 -10.41 -5.26 4.36
N GLY A 58 -9.44 -4.46 4.79
CA GLY A 58 -9.04 -4.49 6.19
C GLY A 58 -7.69 -5.17 6.39
N GLY A 59 -6.64 -4.35 6.49
CA GLY A 59 -5.31 -4.90 6.69
C GLY A 59 -4.90 -5.86 5.58
N TRP A 60 -3.75 -6.51 5.78
CA TRP A 60 -3.24 -7.46 4.78
C TRP A 60 -2.51 -8.60 5.47
N GLY A 61 -1.28 -8.34 5.89
CA GLY A 61 -0.49 -9.36 6.56
C GLY A 61 -0.36 -9.12 8.05
N GLN A 62 -0.59 -7.88 8.47
CA GLN A 62 -0.50 -7.52 9.88
C GLN A 62 -1.48 -8.35 10.71
N PRO A 63 -1.18 -8.55 12.00
CA PRO A 63 -2.03 -9.33 12.91
C PRO A 63 -3.39 -8.67 13.12
N HIS A 64 -4.36 -9.47 13.55
CA HIS A 64 -5.71 -8.96 13.81
C HIS A 64 -6.08 -9.12 15.28
N GLY A 65 -6.08 -8.01 16.00
CA GLY A 65 -6.41 -8.03 17.42
C GLY A 65 -5.18 -8.12 18.30
N GLY A 66 -4.10 -8.69 17.76
CA GLY A 66 -2.87 -8.81 18.51
C GLY A 66 -2.06 -10.03 18.10
N GLY A 67 -1.14 -9.83 17.17
CA GLY A 67 -0.30 -10.93 16.70
C GLY A 67 -1.11 -12.06 16.14
N TRP A 68 -0.52 -13.25 16.13
CA TRP A 68 -1.18 -14.44 15.59
C TRP A 68 -0.85 -15.67 16.43
N GLY A 69 0.34 -16.21 16.21
CA GLY A 69 0.77 -17.38 16.95
C GLY A 69 2.20 -17.26 17.45
N GLN A 70 2.71 -16.03 17.48
CA GLN A 70 4.08 -15.79 17.93
C GLN A 70 4.25 -16.23 19.39
N TRP A 36 12.62 16.52 -11.93
CA TRP A 36 12.14 15.22 -11.39
C TRP A 36 12.52 14.06 -12.30
N GLY A 37 12.73 12.89 -11.72
CA GLY A 37 13.11 11.73 -12.50
C GLY A 37 11.98 11.25 -13.41
N GLN A 38 10.74 11.47 -12.96
CA GLN A 38 9.56 11.06 -13.72
C GLN A 38 9.60 9.58 -14.07
N PRO A 39 8.42 8.97 -14.28
CA PRO A 39 8.32 7.54 -14.63
C PRO A 39 8.82 7.25 -16.04
N HIS A 40 9.49 6.12 -16.20
CA HIS A 40 10.02 5.72 -17.51
C HIS A 40 9.11 4.70 -18.18
N GLY A 41 8.41 3.91 -17.36
CA GLY A 41 7.51 2.90 -17.89
C GLY A 41 6.13 2.98 -17.27
N GLY A 42 5.74 4.17 -16.85
CA GLY A 42 4.43 4.35 -16.25
C GLY A 42 4.47 4.37 -14.73
N GLY A 43 4.51 5.56 -14.16
CA GLY A 43 4.56 5.70 -12.71
C GLY A 43 5.76 4.99 -12.10
N TRP A 44 5.78 4.91 -10.78
CA TRP A 44 6.88 4.26 -10.07
C TRP A 44 6.38 3.56 -8.81
N GLY A 45 6.14 4.34 -7.77
CA GLY A 45 5.66 3.79 -6.52
C GLY A 45 4.25 4.24 -6.19
N GLN A 46 3.58 4.85 -7.16
CA GLN A 46 2.21 5.33 -6.96
C GLN A 46 1.20 4.33 -7.51
N PRO A 47 -0.03 4.33 -6.97
CA PRO A 47 -1.09 3.42 -7.40
C PRO A 47 -1.53 3.70 -8.84
N HIS A 48 -2.07 2.67 -9.50
CA HIS A 48 -2.53 2.81 -10.87
C HIS A 48 -4.06 2.76 -10.94
N GLY A 49 -4.66 2.02 -10.01
CA GLY A 49 -6.11 1.90 -9.99
C GLY A 49 -6.68 2.06 -8.59
N GLY A 50 -5.96 2.80 -7.73
CA GLY A 50 -6.42 3.02 -6.38
C GLY A 50 -5.61 2.24 -5.37
N GLY A 51 -4.64 2.90 -4.74
CA GLY A 51 -3.81 2.24 -3.74
C GLY A 51 -3.07 1.05 -4.30
N TRP A 52 -2.39 0.32 -3.43
CA TRP A 52 -1.63 -0.86 -3.83
C TRP A 52 -1.67 -1.93 -2.75
N GLY A 53 -0.85 -1.75 -1.72
CA GLY A 53 -0.80 -2.70 -0.64
C GLY A 53 -1.48 -2.19 0.62
N GLN A 54 -1.62 -0.87 0.73
CA GLN A 54 -2.26 -0.25 1.87
C GLN A 54 -3.69 -0.75 2.04
N PRO A 55 -4.22 -0.72 3.27
CA PRO A 55 -5.59 -1.17 3.56
C PRO A 55 -6.63 -0.24 2.97
N HIS A 56 -7.70 -0.82 2.43
CA HIS A 56 -8.78 -0.04 1.83
C HIS A 56 -9.89 0.21 2.85
N GLY A 57 -10.07 -0.73 3.76
CA GLY A 57 -11.11 -0.60 4.78
C GLY A 57 -10.56 -0.74 6.18
N GLY A 58 -9.65 -1.70 6.37
CA GLY A 58 -9.07 -1.93 7.68
C GLY A 58 -7.99 -3.00 7.65
N GLY A 59 -6.74 -2.58 7.57
CA GLY A 59 -5.64 -3.52 7.53
C GLY A 59 -5.72 -4.48 6.36
N TRP A 60 -4.85 -5.48 6.36
CA TRP A 60 -4.82 -6.47 5.28
C TRP A 60 -4.40 -7.83 5.81
N GLY A 61 -3.11 -8.00 6.04
CA GLY A 61 -2.60 -9.26 6.55
C GLY A 61 -2.19 -9.17 8.01
N GLN A 62 -1.94 -7.96 8.49
CA GLN A 62 -1.54 -7.75 9.88
C GLN A 62 -2.62 -8.25 10.83
N PRO A 63 -2.24 -8.61 12.06
CA PRO A 63 -3.18 -9.11 13.07
C PRO A 63 -4.15 -8.03 13.54
N HIS A 64 -5.29 -8.45 14.08
CA HIS A 64 -6.29 -7.51 14.57
C HIS A 64 -6.17 -7.31 16.08
N GLY A 65 -5.72 -8.37 16.76
CA GLY A 65 -5.56 -8.29 18.20
C GLY A 65 -4.11 -8.39 18.63
N GLY A 66 -3.31 -9.08 17.84
CA GLY A 66 -1.90 -9.23 18.16
C GLY A 66 -1.19 -10.20 17.24
N GLY A 67 -1.91 -11.23 16.80
CA GLY A 67 -1.33 -12.22 15.90
C GLY A 67 -2.37 -12.97 15.10
N TRP A 68 -1.98 -14.12 14.58
CA TRP A 68 -2.89 -14.94 13.78
C TRP A 68 -2.57 -16.42 13.96
N GLY A 69 -1.52 -16.88 13.29
CA GLY A 69 -1.13 -18.28 13.39
C GLY A 69 0.36 -18.44 13.61
N GLN A 70 1.02 -17.37 14.04
CA GLN A 70 2.46 -17.41 14.29
C GLN A 70 2.76 -18.09 15.61
N TRP A 36 9.44 9.98 -17.07
CA TRP A 36 9.14 11.39 -17.44
C TRP A 36 8.42 12.12 -16.31
N GLY A 37 8.51 13.45 -16.31
CA GLY A 37 7.87 14.24 -15.28
C GLY A 37 6.38 13.98 -15.20
N GLN A 38 5.79 13.58 -16.32
CA GLN A 38 4.35 13.29 -16.36
C GLN A 38 4.09 11.97 -17.08
N PRO A 39 2.95 11.32 -16.76
CA PRO A 39 2.58 10.04 -17.38
C PRO A 39 2.26 10.18 -18.86
N HIS A 40 2.52 9.13 -19.62
CA HIS A 40 2.27 9.13 -21.06
C HIS A 40 0.93 8.46 -21.37
N GLY A 41 0.56 7.49 -20.54
CA GLY A 41 -0.68 6.78 -20.75
C GLY A 41 -1.69 7.04 -19.64
N GLY A 42 -1.20 7.34 -18.45
CA GLY A 42 -2.07 7.62 -17.32
C GLY A 42 -1.30 7.90 -16.05
N GLY A 43 -0.39 7.01 -15.69
CA GLY A 43 0.40 7.19 -14.49
C GLY A 43 1.80 6.63 -14.62
N TRP A 44 2.43 6.36 -13.48
CA TRP A 44 3.79 5.82 -13.46
C TRP A 44 3.99 4.89 -12.27
N GLY A 45 4.18 5.48 -11.09
CA GLY A 45 4.37 4.69 -9.89
C GLY A 45 3.20 4.79 -8.94
N GLN A 46 2.40 5.85 -9.08
CA GLN A 46 1.24 6.06 -8.23
C GLN A 46 0.25 4.92 -8.37
N PRO A 47 -0.57 4.66 -7.33
CA PRO A 47 -1.56 3.59 -7.34
C PRO A 47 -2.54 3.73 -8.51
N HIS A 48 -3.06 2.60 -8.97
CA HIS A 48 -4.02 2.60 -10.09
C HIS A 48 -5.26 1.79 -9.73
N GLY A 49 -5.36 1.33 -8.49
CA GLY A 49 -6.51 0.56 -8.06
C GLY A 49 -6.85 0.78 -6.60
N GLY A 50 -6.48 1.95 -6.07
CA GLY A 50 -6.76 2.26 -4.69
C GLY A 50 -5.59 1.96 -3.78
N GLY A 51 -4.38 1.97 -4.33
CA GLY A 51 -3.20 1.70 -3.53
C GLY A 51 -2.34 0.61 -4.13
N TRP A 52 -1.46 0.04 -3.31
CA TRP A 52 -0.55 -1.02 -3.75
C TRP A 52 -0.32 -2.02 -2.64
N GLY A 53 0.56 -1.68 -1.71
CA GLY A 53 0.86 -2.56 -0.60
C GLY A 53 0.38 -1.99 0.72
N GLN A 54 -0.48 -0.99 0.67
CA GLN A 54 -1.02 -0.37 1.87
C GLN A 54 -2.48 -0.75 2.08
N PRO A 55 -2.95 -0.72 3.34
CA PRO A 55 -4.33 -1.08 3.68
C PRO A 55 -5.34 -0.08 3.09
N HIS A 56 -6.51 -0.58 2.72
CA HIS A 56 -7.56 0.25 2.15
C HIS A 56 -8.60 0.60 3.21
N GLY A 57 -8.80 -0.32 4.16
CA GLY A 57 -9.78 -0.09 5.21
C GLY A 57 -9.13 -0.08 6.59
N GLY A 58 -8.11 -0.91 6.77
CA GLY A 58 -7.44 -0.98 8.05
C GLY A 58 -6.06 -1.61 7.95
N GLY A 59 -6.02 -2.89 7.59
CA GLY A 59 -4.76 -3.59 7.46
C GLY A 59 -4.72 -4.50 6.24
N TRP A 60 -3.82 -5.48 6.27
CA TRP A 60 -3.67 -6.41 5.17
C TRP A 60 -3.29 -7.80 5.67
N GLY A 61 -2.02 -7.97 6.02
CA GLY A 61 -1.55 -9.24 6.52
C GLY A 61 -1.34 -9.23 8.02
N GLN A 62 -1.17 -8.04 8.59
CA GLN A 62 -0.96 -7.91 10.02
C GLN A 62 -2.15 -8.45 10.80
N PRO A 63 -1.92 -8.94 12.03
CA PRO A 63 -2.99 -9.48 12.89
C PRO A 63 -4.01 -8.42 13.28
N HIS A 64 -5.19 -8.87 13.69
CA HIS A 64 -6.26 -7.96 14.11
C HIS A 64 -6.62 -8.19 15.57
N GLY A 65 -6.22 -7.26 16.42
CA GLY A 65 -6.50 -7.38 17.84
C GLY A 65 -5.37 -8.04 18.61
N GLY A 66 -4.58 -8.85 17.92
CA GLY A 66 -3.46 -9.53 18.56
C GLY A 66 -3.16 -10.88 17.94
N GLY A 67 -2.25 -10.89 16.97
CA GLY A 67 -1.89 -12.13 16.30
C GLY A 67 -3.08 -12.80 15.65
N TRP A 68 -2.97 -14.12 15.43
CA TRP A 68 -4.03 -14.89 14.81
C TRP A 68 -4.15 -16.27 15.43
N GLY A 69 -3.26 -17.16 15.04
CA GLY A 69 -3.27 -18.50 15.58
C GLY A 69 -2.06 -18.80 16.44
N GLN A 70 -0.99 -18.02 16.25
CA GLN A 70 0.24 -18.20 17.02
C GLN A 70 -0.02 -18.03 18.50
#